data_1XE6
#
_entry.id   1XE6
#
_cell.length_a   141.154
_cell.length_b   141.154
_cell.length_c   97.375
_cell.angle_alpha   90.00
_cell.angle_beta   90.00
_cell.angle_gamma   120.00
#
_symmetry.space_group_name_H-M   'P 31 2 1'
#
loop_
_entity.id
_entity.type
_entity.pdbx_description
1 polymer 'Plasmepsin 2'
2 non-polymer '5,5,5-TRIFLUORO-3-HYDROXY-4-[2-(5,5,5-TRIFLUORO-3-HYDROXY-4-{3-METHYL-2-[3-METHYL-2-(3-METHYL-BUTYRYLAMINO)-BUTYRYLAMINO]-BUTYRYLAMINO}-PENTANOYLAMINO)-PROPIONYLAMINO]-PENTANOIC ACID'
3 water water
#
_entity_poly.entity_id   1
_entity_poly.type   'polypeptide(L)'
_entity_poly.pdbx_seq_one_letter_code
;SSNDNIELVDFQNIMFYGDAEVGDNQQPFTFILDTGSANLWVPSVKCTTAGCLTKHLYDSSKSRTYEKDGTKVEMNYVSG
TVSGFFSKDLVTVGNLSLPYKFIEVIDTNGFEPTYTASTFDGILGLGWKDLSIGSVDPIVVELKNQNKIENALFTFYLPV
HDKHTGFLTIGGIEERFYEGPLTYEKLNHDLYWQITLDAHVGNIMLEKANCIVDSGTSAITVPTDFLNKMLQNLDVIKVP
FLPFYVTLCNNSKLPTFEFTSENGKYTLEPEYYLQHIEDVGPGLCMLNIIGLDFPVPTFILGDPFMRKYFTVFDYDNHSV
GIALAKKNL
;
_entity_poly.pdbx_strand_id   A,B
#
loop_
_chem_comp.id
_chem_comp.type
_chem_comp.name
_chem_comp.formula
5FP peptide-like '5,5,5-TRIFLUORO-3-HYDROXY-4-[2-(5,5,5-TRIFLUORO-3-HYDROXY-4-{3-METHYL-2-[3-METHYL-2-(3-METHYL-BUTYRYLAMINO)-BUTYRYLAMINO]-BUTYRYLAMINO}-PENTANOYLAMINO)-PROPIONYLAMINO]-PENTANOIC ACID' 'C28 H45 F6 N5 O9'
#
# COMPACT_ATOMS: atom_id res chain seq x y z
N SER A 1 16.53 23.85 30.62
CA SER A 1 16.25 22.50 31.20
C SER A 1 17.50 21.58 31.24
N SER A 2 17.45 20.57 32.10
CA SER A 2 18.59 19.69 32.42
C SER A 2 19.03 18.72 31.29
N ASN A 3 18.06 18.33 30.47
CA ASN A 3 18.25 17.37 29.36
C ASN A 3 18.03 18.08 28.01
N ASP A 4 18.51 17.47 26.93
CA ASP A 4 18.41 18.11 25.62
C ASP A 4 17.09 17.93 24.88
N ASN A 5 16.53 19.04 24.42
CA ASN A 5 15.31 19.05 23.60
C ASN A 5 15.60 19.13 22.10
N ILE A 6 14.60 18.76 21.29
CA ILE A 6 14.58 19.00 19.84
C ILE A 6 13.16 19.43 19.54
N GLU A 7 12.98 20.61 18.94
CA GLU A 7 11.65 21.10 18.60
C GLU A 7 11.05 20.27 17.46
N LEU A 8 9.77 19.94 17.59
CA LEU A 8 9.04 19.15 16.61
C LEU A 8 8.09 20.00 15.76
N VAL A 9 8.30 20.02 14.45
CA VAL A 9 7.46 20.85 13.61
C VAL A 9 6.34 20.05 12.97
N ASP A 10 5.13 20.56 13.14
CA ASP A 10 3.92 20.01 12.53
C ASP A 10 3.95 20.08 10.99
N PHE A 11 3.84 18.92 10.33
CA PHE A 11 3.78 18.85 8.86
C PHE A 11 2.33 18.80 8.39
N GLN A 12 1.74 19.99 8.20
CA GLN A 12 0.38 20.16 7.66
C GLN A 12 -0.69 19.29 8.37
N ASN A 13 -0.64 19.29 9.70
CA ASN A 13 -1.50 18.44 10.57
C ASN A 13 -1.17 16.92 10.51
N ILE A 14 -0.52 16.51 9.42
CA ILE A 14 -0.23 15.10 9.13
C ILE A 14 0.96 14.53 9.99
N MET A 15 2.18 14.71 9.50
CA MET A 15 3.39 14.22 10.15
C MET A 15 4.00 15.29 11.08
N PHE A 16 5.03 14.92 11.84
CA PHE A 16 5.86 15.91 12.49
C PHE A 16 7.33 15.63 12.20
N TYR A 17 8.15 16.67 12.15
CA TYR A 17 9.58 16.52 11.91
C TYR A 17 10.47 17.20 12.96
N GLY A 18 11.70 16.70 13.08
CA GLY A 18 12.74 17.30 13.87
C GLY A 18 14.07 17.39 13.12
N ASP A 19 14.91 18.30 13.58
CA ASP A 19 16.21 18.50 12.99
C ASP A 19 17.28 17.86 13.82
N ALA A 20 18.14 17.12 13.14
CA ALA A 20 19.42 16.69 13.65
C ALA A 20 20.42 17.09 12.58
N GLU A 21 21.69 17.12 12.94
CA GLU A 21 22.71 17.47 11.97
C GLU A 21 23.81 16.41 11.97
N VAL A 22 24.54 16.30 10.86
CA VAL A 22 25.55 15.25 10.67
C VAL A 22 26.87 15.87 10.18
N GLY A 23 28.00 15.31 10.61
CA GLY A 23 29.33 15.80 10.26
C GLY A 23 29.92 16.71 11.34
N ASP A 24 31.20 17.03 11.23
CA ASP A 24 31.83 17.91 12.21
C ASP A 24 31.60 19.43 11.97
N ASN A 25 31.30 19.81 10.73
CA ASN A 25 30.54 21.03 10.44
C ASN A 25 29.08 20.75 10.86
N GLN A 26 28.13 21.64 10.59
CA GLN A 26 26.77 21.24 11.01
C GLN A 26 26.03 20.37 10.01
N GLN A 27 25.80 20.85 8.78
CA GLN A 27 25.02 20.10 7.78
C GLN A 27 23.68 19.61 8.37
N PRO A 28 22.65 20.45 8.40
CA PRO A 28 21.41 20.07 9.07
C PRO A 28 20.53 19.22 8.15
N PHE A 29 19.62 18.46 8.74
CA PHE A 29 18.62 17.71 8.00
C PHE A 29 17.33 17.70 8.78
N THR A 30 16.28 17.22 8.12
CA THR A 30 14.97 17.15 8.69
C THR A 30 14.60 15.68 8.69
N PHE A 31 14.35 15.15 9.88
CA PHE A 31 14.14 13.73 10.01
C PHE A 31 12.73 13.42 10.45
N ILE A 32 12.22 12.27 10.04
CA ILE A 32 11.14 11.67 10.74
C ILE A 32 11.79 10.96 11.92
N LEU A 33 11.40 11.34 13.13
CA LEU A 33 11.95 10.71 14.33
C LEU A 33 10.98 9.61 14.68
N ASP A 34 11.50 8.40 14.79
CA ASP A 34 10.68 7.23 14.48
C ASP A 34 11.04 6.01 15.31
N THR A 35 10.17 5.72 16.26
CA THR A 35 10.39 4.66 17.23
C THR A 35 10.22 3.27 16.61
N GLY A 36 9.64 3.24 15.42
CA GLY A 36 9.38 2.00 14.72
C GLY A 36 10.51 1.47 13.85
N SER A 37 11.60 2.23 13.70
CA SER A 37 12.78 1.68 13.04
C SER A 37 14.07 1.96 13.85
N ALA A 38 15.20 1.37 13.48
CA ALA A 38 16.40 1.54 14.29
C ALA A 38 17.69 1.78 13.48
N ASN A 39 17.51 2.47 12.35
CA ASN A 39 18.59 3.03 11.57
C ASN A 39 18.41 4.53 11.33
N LEU A 40 19.57 5.21 11.25
CA LEU A 40 19.67 6.57 10.82
C LEU A 40 20.11 6.55 9.37
N TRP A 41 19.36 7.27 8.54
CA TRP A 41 19.81 7.53 7.18
C TRP A 41 19.52 8.93 6.71
N VAL A 42 20.39 9.35 5.79
CA VAL A 42 20.52 10.71 5.34
C VAL A 42 20.90 10.61 3.87
N PRO A 43 20.37 11.48 3.02
CA PRO A 43 20.67 11.41 1.58
C PRO A 43 22.07 11.93 1.23
N SER A 44 22.74 11.21 0.35
CA SER A 44 24.10 11.56 -0.02
C SER A 44 24.16 12.77 -0.94
N VAL A 45 25.30 13.46 -0.92
CA VAL A 45 25.65 14.36 -2.03
C VAL A 45 25.99 13.57 -3.29
N LYS A 46 26.26 12.26 -3.12
CA LYS A 46 26.52 11.33 -4.23
C LYS A 46 25.23 10.76 -4.85
N CYS A 47 24.07 11.30 -4.47
CA CYS A 47 22.79 10.74 -4.90
C CYS A 47 22.40 11.11 -6.30
N THR A 48 21.89 10.11 -7.04
CA THR A 48 21.59 10.19 -8.47
C THR A 48 20.10 10.40 -8.77
N THR A 49 19.25 10.01 -7.83
CA THR A 49 17.81 9.83 -8.03
C THR A 49 16.97 11.11 -7.97
N ALA A 50 15.91 11.17 -8.79
CA ALA A 50 14.99 12.31 -8.84
C ALA A 50 14.52 12.81 -7.47
N GLY A 51 14.12 11.89 -6.59
CA GLY A 51 13.61 12.23 -5.28
C GLY A 51 14.47 13.24 -4.53
N CYS A 52 15.79 13.09 -4.69
CA CYS A 52 16.76 13.90 -3.97
C CYS A 52 16.89 15.41 -4.34
N LEU A 53 16.10 15.87 -5.30
CA LEU A 53 16.24 17.22 -5.84
C LEU A 53 15.98 18.32 -4.83
N THR A 54 15.02 18.06 -3.95
CA THR A 54 14.48 19.05 -3.02
C THR A 54 15.08 18.89 -1.61
N LYS A 55 16.13 18.10 -1.49
CA LYS A 55 16.57 17.61 -0.20
C LYS A 55 17.93 18.10 0.23
N HIS A 56 18.12 18.19 1.55
CA HIS A 56 19.42 18.42 2.14
C HIS A 56 20.28 17.17 1.96
N LEU A 57 21.53 17.37 1.54
CA LEU A 57 22.36 16.24 1.19
C LEU A 57 23.67 16.29 1.95
N TYR A 58 24.29 15.13 2.10
CA TYR A 58 25.47 14.99 2.94
C TYR A 58 26.79 14.84 2.16
N ASP A 59 27.74 15.70 2.50
CA ASP A 59 29.03 15.71 1.82
C ASP A 59 30.13 15.16 2.73
N SER A 60 30.56 13.90 2.52
CA SER A 60 31.71 13.35 3.27
C SER A 60 32.89 14.34 3.31
N SER A 61 33.32 14.77 2.12
CA SER A 61 34.49 15.63 1.90
C SER A 61 34.60 16.83 2.84
N LYS A 62 33.44 17.39 3.22
CA LYS A 62 33.38 18.64 3.97
C LYS A 62 33.58 18.43 5.47
N SER A 63 33.75 17.17 5.88
CA SER A 63 33.77 16.82 7.29
C SER A 63 35.01 16.02 7.69
N ARG A 64 35.79 16.59 8.60
CA ARG A 64 37.01 16.00 9.13
C ARG A 64 36.79 14.59 9.70
N THR A 65 35.65 14.41 10.38
CA THR A 65 35.41 13.23 11.22
C THR A 65 34.88 12.01 10.48
N TYR A 66 34.59 12.16 9.18
CA TYR A 66 34.13 11.05 8.35
C TYR A 66 35.07 9.83 8.43
N GLU A 67 34.50 8.64 8.28
CA GLU A 67 35.27 7.40 8.32
C GLU A 67 34.72 6.45 7.27
N LYS A 68 35.52 6.16 6.25
CA LYS A 68 35.12 5.25 5.16
C LYS A 68 34.58 3.96 5.74
N ASP A 69 33.72 3.28 4.98
CA ASP A 69 33.10 2.03 5.42
C ASP A 69 32.53 1.39 4.16
N GLY A 70 31.43 1.95 3.66
CA GLY A 70 30.91 1.59 2.35
C GLY A 70 30.27 0.23 2.09
N THR A 71 29.93 -0.53 3.13
CA THR A 71 29.20 -1.78 2.91
C THR A 71 27.80 -1.45 2.42
N LYS A 72 27.42 -2.04 1.28
CA LYS A 72 26.11 -1.81 0.67
C LYS A 72 24.99 -2.20 1.64
N VAL A 73 23.91 -1.43 1.65
CA VAL A 73 22.71 -1.79 2.42
C VAL A 73 21.40 -1.41 1.76
N GLU A 74 20.34 -2.04 2.22
CA GLU A 74 19.00 -1.74 1.77
C GLU A 74 18.07 -1.74 2.97
N MET A 75 17.49 -0.57 3.22
CA MET A 75 16.57 -0.35 4.33
C MET A 75 15.14 -0.55 3.81
N ASN A 76 14.32 -1.25 4.59
CA ASN A 76 13.01 -1.66 4.12
C ASN A 76 11.94 -1.24 5.10
N TYR A 77 10.88 -0.68 4.55
CA TYR A 77 9.83 -0.07 5.33
C TYR A 77 8.50 -0.56 4.78
N VAL A 78 7.55 -0.81 5.67
CA VAL A 78 6.19 -1.12 5.25
C VAL A 78 5.80 -0.15 4.09
N SER A 79 6.33 1.06 4.15
CA SER A 79 6.01 2.13 3.20
C SER A 79 7.05 2.38 2.11
N GLY A 80 7.95 1.43 1.83
CA GLY A 80 8.95 1.62 0.77
C GLY A 80 10.39 1.20 1.04
N THR A 81 11.29 1.46 0.09
CA THR A 81 12.67 0.98 0.16
C THR A 81 13.69 2.04 -0.28
N VAL A 82 14.86 2.00 0.32
CA VAL A 82 15.81 3.09 0.21
C VAL A 82 17.20 2.45 0.31
N SER A 83 18.12 2.85 -0.57
CA SER A 83 19.35 2.08 -0.75
C SER A 83 20.65 2.91 -0.80
N GLY A 84 21.71 2.33 -0.25
CA GLY A 84 22.98 3.03 -0.15
C GLY A 84 24.05 2.19 0.52
N PHE A 85 24.80 2.84 1.40
CA PHE A 85 25.94 2.23 2.08
C PHE A 85 26.25 2.98 3.35
N PHE A 86 26.90 2.30 4.28
CA PHE A 86 27.19 2.82 5.61
C PHE A 86 28.30 3.83 5.64
N SER A 87 28.22 4.71 6.62
CA SER A 87 29.29 5.64 6.92
C SER A 87 29.24 6.01 8.39
N LYS A 88 30.40 6.37 8.94
CA LYS A 88 30.55 6.73 10.35
C LYS A 88 30.96 8.19 10.39
N ASP A 89 30.42 8.95 11.35
CA ASP A 89 30.59 10.42 11.43
C ASP A 89 29.75 11.02 12.57
N LEU A 90 29.85 12.33 12.75
CA LEU A 90 29.37 12.99 13.95
C LEU A 90 27.92 13.44 13.94
N VAL A 91 27.04 12.53 14.37
CA VAL A 91 25.64 12.83 14.59
C VAL A 91 25.50 13.73 15.80
N THR A 92 24.60 14.72 15.69
CA THR A 92 24.29 15.65 16.76
C THR A 92 22.78 15.83 16.84
N VAL A 93 22.23 15.62 18.03
CA VAL A 93 20.80 15.74 18.30
C VAL A 93 20.60 16.74 19.40
N GLY A 94 19.79 17.78 19.13
CA GLY A 94 19.78 18.95 19.97
C GLY A 94 21.23 19.34 19.94
N ASN A 95 21.88 19.34 21.11
CA ASN A 95 23.32 19.48 21.14
C ASN A 95 24.03 18.46 22.03
N LEU A 96 23.64 17.20 21.89
CA LEU A 96 24.44 16.09 22.35
C LEU A 96 24.94 15.46 21.06
N SER A 97 26.17 14.97 21.04
CA SER A 97 26.74 14.48 19.78
C SER A 97 27.70 13.31 19.97
N LEU A 98 27.76 12.41 18.99
CA LEU A 98 28.58 11.20 19.09
C LEU A 98 28.94 10.61 17.73
N PRO A 99 30.16 10.07 17.56
CA PRO A 99 30.48 9.31 16.33
C PRO A 99 29.46 8.20 16.14
N TYR A 100 28.77 8.18 14.99
CA TYR A 100 27.67 7.23 14.78
C TYR A 100 27.60 6.62 13.39
N LYS A 101 27.56 5.29 13.32
CA LYS A 101 27.39 4.57 12.04
C LYS A 101 25.98 4.77 11.50
N PHE A 102 25.87 5.18 10.25
CA PHE A 102 24.56 5.43 9.62
C PHE A 102 24.62 5.11 8.14
N ILE A 103 23.45 5.17 7.48
CA ILE A 103 23.31 4.93 6.04
C ILE A 103 23.29 6.22 5.20
N GLU A 104 24.18 6.24 4.22
CA GLU A 104 24.23 7.27 3.21
C GLU A 104 23.46 6.71 2.03
N VAL A 105 22.28 7.25 1.80
CA VAL A 105 21.40 6.74 0.74
C VAL A 105 21.82 7.31 -0.59
N ILE A 106 21.68 6.53 -1.65
CA ILE A 106 22.00 7.00 -3.03
C ILE A 106 20.91 6.69 -4.09
N ASP A 107 19.94 5.86 -3.71
CA ASP A 107 18.79 5.55 -4.53
C ASP A 107 17.53 5.59 -3.66
N THR A 108 16.61 6.49 -3.98
CA THR A 108 15.36 6.68 -3.23
C THR A 108 14.13 6.22 -4.02
N ASN A 109 14.35 5.60 -5.19
CA ASN A 109 13.28 5.34 -6.15
C ASN A 109 12.19 4.41 -5.69
N GLY A 110 12.55 3.56 -4.71
CA GLY A 110 11.65 2.62 -4.05
C GLY A 110 10.88 3.28 -2.92
N PHE A 111 10.96 4.61 -2.83
CA PHE A 111 10.30 5.37 -1.76
C PHE A 111 9.34 6.47 -2.24
N GLU A 112 8.68 6.19 -3.37
CA GLU A 112 7.79 7.16 -4.01
C GLU A 112 6.34 6.66 -3.95
N PRO A 113 5.35 7.55 -3.91
CA PRO A 113 5.53 9.01 -4.04
C PRO A 113 5.87 9.72 -2.73
N THR A 114 5.94 8.99 -1.63
CA THR A 114 6.15 9.63 -0.34
C THR A 114 7.33 10.61 -0.29
N TYR A 115 8.50 10.20 -0.81
CA TYR A 115 9.71 11.04 -0.65
C TYR A 115 9.68 12.40 -1.34
N THR A 116 9.11 12.45 -2.54
CA THR A 116 9.05 13.72 -3.25
C THR A 116 7.90 14.58 -2.73
N ALA A 117 6.79 13.92 -2.38
CA ALA A 117 5.62 14.56 -1.74
C ALA A 117 5.86 15.16 -0.34
N SER A 118 6.75 14.54 0.45
CA SER A 118 7.02 15.02 1.83
C SER A 118 8.30 15.84 1.93
N THR A 119 8.43 16.60 2.99
CA THR A 119 9.59 17.49 3.11
C THR A 119 10.65 17.08 4.17
N PHE A 120 10.67 15.81 4.54
CA PHE A 120 11.75 15.32 5.40
C PHE A 120 12.90 14.89 4.52
N ASP A 121 14.12 14.93 5.07
CA ASP A 121 15.35 14.44 4.44
C ASP A 121 15.68 12.98 4.83
N GLY A 122 15.68 12.68 6.12
CA GLY A 122 16.00 11.34 6.59
C GLY A 122 15.02 10.71 7.54
N ILE A 123 15.31 9.45 7.89
CA ILE A 123 14.68 8.83 9.04
C ILE A 123 15.74 8.55 10.15
N LEU A 124 15.33 8.74 11.41
CA LEU A 124 16.17 8.53 12.59
C LEU A 124 15.52 7.50 13.48
N GLY A 125 16.03 6.27 13.46
CA GLY A 125 15.46 5.22 14.29
C GLY A 125 15.67 5.40 15.80
N LEU A 126 14.62 5.06 16.55
CA LEU A 126 14.66 5.14 18.00
C LEU A 126 14.22 3.83 18.66
N GLY A 127 14.01 2.80 17.86
CA GLY A 127 13.73 1.47 18.38
C GLY A 127 14.98 0.80 18.91
N TRP A 128 14.94 -0.53 18.99
CA TRP A 128 15.98 -1.31 19.65
C TRP A 128 17.01 -1.88 18.68
N LYS A 129 18.14 -2.38 19.20
CA LYS A 129 19.26 -2.89 18.39
C LYS A 129 18.91 -4.01 17.42
N ASP A 130 18.02 -4.92 17.80
CA ASP A 130 17.72 -6.06 16.92
C ASP A 130 16.88 -5.65 15.71
N LEU A 131 16.25 -4.49 15.81
CA LEU A 131 15.41 -3.98 14.73
C LEU A 131 16.29 -3.48 13.58
N SER A 132 17.51 -3.09 13.94
CA SER A 132 18.42 -2.48 13.02
C SER A 132 19.04 -3.47 12.06
N ILE A 133 19.42 -2.94 10.90
CA ILE A 133 20.19 -3.65 9.90
C ILE A 133 21.64 -3.32 10.22
N GLY A 134 22.48 -4.34 10.37
CA GLY A 134 23.88 -4.15 10.73
C GLY A 134 24.23 -4.02 12.23
N SER A 135 23.29 -4.39 13.11
CA SER A 135 23.56 -4.46 14.56
C SER A 135 24.13 -3.17 15.17
N VAL A 136 23.35 -2.09 15.10
CA VAL A 136 23.79 -0.77 15.56
C VAL A 136 23.14 -0.43 16.89
N ASP A 137 23.94 -0.03 17.86
CA ASP A 137 23.41 0.39 19.15
C ASP A 137 22.64 1.69 18.97
N PRO A 138 21.41 1.77 19.48
CA PRO A 138 20.65 3.02 19.46
C PRO A 138 21.49 4.19 19.89
N ILE A 139 21.21 5.35 19.31
CA ILE A 139 21.85 6.60 19.70
C ILE A 139 21.76 6.81 21.22
N VAL A 140 20.56 6.69 21.78
CA VAL A 140 20.34 7.01 23.19
C VAL A 140 21.00 6.00 24.16
N VAL A 141 21.25 4.78 23.70
CA VAL A 141 22.04 3.84 24.48
C VAL A 141 23.51 4.28 24.51
N GLU A 142 24.09 4.55 23.33
CA GLU A 142 25.48 5.02 23.22
C GLU A 142 25.66 6.33 23.98
N LEU A 143 24.84 7.33 23.70
CA LEU A 143 24.87 8.55 24.50
C LEU A 143 25.00 8.24 26.01
N LYS A 144 24.38 7.16 26.48
CA LYS A 144 24.44 6.80 27.90
C LYS A 144 25.68 5.99 28.26
N ASN A 145 25.97 4.95 27.48
CA ASN A 145 27.23 4.16 27.61
C ASN A 145 28.49 5.02 27.63
N GLN A 146 28.36 6.23 27.08
CA GLN A 146 29.43 7.20 26.96
C GLN A 146 29.17 8.35 27.93
N ASN A 147 28.12 8.20 28.72
CA ASN A 147 27.82 9.15 29.80
C ASN A 147 27.60 10.62 29.43
N LYS A 148 26.68 10.87 28.51
CA LYS A 148 26.40 12.22 28.04
C LYS A 148 25.01 12.66 28.47
N ILE A 149 24.22 11.70 28.94
CA ILE A 149 22.92 11.99 29.57
C ILE A 149 22.71 11.07 30.74
N GLU A 150 21.93 11.55 31.70
CA GLU A 150 21.73 10.84 32.98
C GLU A 150 21.10 9.45 32.80
N ASN A 151 19.96 9.39 32.12
CA ASN A 151 19.32 8.10 31.76
C ASN A 151 19.20 7.82 30.25
N ALA A 152 19.35 6.56 29.88
CA ALA A 152 19.15 6.10 28.51
C ALA A 152 17.66 6.07 28.19
N LEU A 153 17.10 7.26 28.02
CA LEU A 153 15.68 7.40 27.76
C LEU A 153 15.37 8.70 27.01
N PHE A 154 14.33 8.64 26.17
CA PHE A 154 13.83 9.76 25.39
C PHE A 154 12.32 9.84 25.53
N THR A 155 11.79 11.04 25.36
CA THR A 155 10.39 11.29 25.58
C THR A 155 9.71 11.95 24.35
N PHE A 156 8.39 11.81 24.19
CA PHE A 156 7.68 12.46 23.06
C PHE A 156 6.51 13.33 23.48
N TYR A 157 6.59 14.62 23.17
CA TYR A 157 5.45 15.46 23.33
C TYR A 157 5.14 15.96 21.91
N LEU A 158 4.14 15.36 21.26
CA LEU A 158 3.72 15.81 19.92
C LEU A 158 3.10 17.21 19.90
N PRO A 159 3.38 17.97 18.84
CA PRO A 159 2.66 19.21 18.57
C PRO A 159 1.16 19.01 18.34
N VAL A 160 0.41 20.10 18.46
CA VAL A 160 -0.97 20.18 17.98
C VAL A 160 -1.00 21.46 17.12
N HIS A 161 -1.58 21.38 15.92
CA HIS A 161 -1.37 22.42 14.89
C HIS A 161 -1.69 23.85 15.33
N ASP A 162 -2.95 24.07 15.71
CA ASP A 162 -3.38 25.41 16.08
C ASP A 162 -2.80 25.84 17.42
N LYS A 163 -2.45 24.87 18.28
CA LYS A 163 -1.96 25.21 19.61
C LYS A 163 -0.43 25.33 19.74
N HIS A 164 0.27 24.23 20.06
CA HIS A 164 1.71 24.29 20.44
C HIS A 164 2.64 23.49 19.50
N THR A 165 3.95 23.80 19.51
CA THR A 165 4.92 22.88 18.88
C THR A 165 5.17 21.66 19.81
N GLY A 166 6.11 20.81 19.46
CA GLY A 166 6.35 19.61 20.24
C GLY A 166 7.79 19.43 20.59
N PHE A 167 8.08 18.50 21.49
CA PHE A 167 9.47 18.23 21.87
C PHE A 167 9.79 16.74 21.99
N LEU A 168 10.88 16.34 21.34
CA LEU A 168 11.61 15.13 21.67
C LEU A 168 12.69 15.47 22.72
N THR A 169 12.55 14.96 23.94
CA THR A 169 13.58 15.16 24.95
C THR A 169 14.38 13.90 25.19
N ILE A 170 15.69 14.07 25.34
CA ILE A 170 16.61 12.97 25.59
C ILE A 170 17.21 13.06 26.99
N GLY A 171 17.20 11.95 27.72
CA GLY A 171 17.92 11.84 28.98
C GLY A 171 17.16 12.04 30.31
N GLY A 172 16.07 12.79 30.28
CA GLY A 172 15.27 12.96 31.48
C GLY A 172 13.78 13.15 31.25
N ILE A 173 12.99 13.06 32.31
CA ILE A 173 11.55 13.31 32.22
C ILE A 173 11.26 14.74 32.67
N GLU A 174 10.37 15.44 31.96
CA GLU A 174 10.03 16.83 32.26
C GLU A 174 8.58 17.01 32.65
N GLU A 175 8.35 17.42 33.89
CA GLU A 175 7.01 17.61 34.44
C GLU A 175 6.11 18.46 33.57
N ARG A 176 6.69 19.40 32.83
CA ARG A 176 5.90 20.42 32.11
C ARG A 176 4.98 19.90 31.00
N PHE A 177 5.13 18.61 30.68
CA PHE A 177 4.62 18.00 29.47
C PHE A 177 3.32 17.25 29.71
N TYR A 178 3.27 16.49 30.79
CA TYR A 178 2.13 15.64 31.10
C TYR A 178 1.30 16.17 32.27
N GLU A 179 0.27 15.41 32.63
CA GLU A 179 -0.68 15.75 33.69
C GLU A 179 -1.04 14.44 34.36
N GLY A 180 -1.03 14.44 35.70
CA GLY A 180 -1.31 13.23 36.44
C GLY A 180 -0.19 12.20 36.34
N PRO A 181 -0.46 10.99 36.82
CA PRO A 181 0.58 9.95 36.98
C PRO A 181 1.08 9.32 35.69
N LEU A 182 2.38 9.13 35.60
CA LEU A 182 2.93 8.25 34.57
C LEU A 182 2.51 6.84 34.89
N THR A 183 2.45 5.97 33.88
CA THR A 183 2.24 4.54 34.10
C THR A 183 3.15 3.78 33.16
N TYR A 184 3.74 2.71 33.65
CA TYR A 184 4.79 2.06 32.94
C TYR A 184 4.40 0.65 32.58
N GLU A 185 4.73 0.25 31.36
CA GLU A 185 4.43 -1.09 30.91
C GLU A 185 5.71 -1.70 30.39
N LYS A 186 6.18 -2.77 31.02
CA LYS A 186 7.34 -3.47 30.48
C LYS A 186 7.06 -3.82 29.02
N LEU A 187 8.10 -3.74 28.19
CA LEU A 187 8.02 -4.31 26.86
C LEU A 187 7.84 -5.81 26.99
N ASN A 188 7.21 -6.41 25.97
CA ASN A 188 7.14 -7.85 25.87
C ASN A 188 8.35 -8.40 25.11
N HIS A 189 9.09 -7.52 24.46
CA HIS A 189 10.26 -7.87 23.64
C HIS A 189 11.09 -6.62 23.41
N ASP A 190 12.39 -6.81 23.18
CA ASP A 190 13.31 -5.71 22.88
C ASP A 190 13.51 -5.64 21.38
N LEU A 191 12.45 -5.23 20.68
CA LEU A 191 12.45 -5.04 19.23
C LEU A 191 11.82 -3.68 18.92
N TYR A 192 10.50 -3.64 18.81
CA TYR A 192 9.79 -2.37 18.64
C TYR A 192 9.53 -1.93 20.05
N TRP A 193 9.00 -0.74 20.26
CA TRP A 193 8.51 -0.39 21.58
C TRP A 193 7.15 -1.01 21.83
N GLN A 194 7.18 -2.30 22.19
CA GLN A 194 5.99 -3.15 22.15
C GLN A 194 5.58 -3.74 23.47
N ILE A 195 4.40 -3.32 23.94
CA ILE A 195 3.86 -3.80 25.18
C ILE A 195 2.63 -4.67 24.93
N THR A 196 2.10 -5.29 25.98
CA THR A 196 0.91 -6.15 25.88
C THR A 196 -0.28 -5.49 26.55
N LEU A 197 -1.34 -5.28 25.79
CA LEU A 197 -2.50 -4.64 26.35
C LEU A 197 -3.72 -5.34 25.86
N ASP A 198 -4.80 -5.21 26.63
CA ASP A 198 -6.07 -5.72 26.22
C ASP A 198 -6.75 -4.63 25.38
N ALA A 199 -7.02 -4.94 24.12
CA ALA A 199 -7.70 -4.00 23.22
C ALA A 199 -9.19 -4.27 23.22
N HIS A 200 -9.98 -3.27 23.58
CA HIS A 200 -11.42 -3.41 23.65
C HIS A 200 -12.10 -2.23 22.90
N VAL A 201 -13.01 -2.52 21.95
CA VAL A 201 -13.56 -1.45 21.11
C VAL A 201 -15.08 -1.28 21.09
N GLY A 202 -15.81 -2.31 20.72
CA GLY A 202 -17.26 -2.20 20.80
C GLY A 202 -17.70 -3.13 21.90
N ASN A 203 -18.22 -4.29 21.48
CA ASN A 203 -18.22 -5.50 22.29
C ASN A 203 -17.12 -6.46 21.80
N ILE A 204 -16.29 -5.98 20.85
CA ILE A 204 -15.10 -6.69 20.40
C ILE A 204 -13.95 -6.50 21.38
N MET A 205 -13.46 -7.61 21.87
CA MET A 205 -12.38 -7.64 22.83
C MET A 205 -11.31 -8.53 22.22
N LEU A 206 -10.11 -7.98 22.03
CA LEU A 206 -8.94 -8.80 21.78
C LEU A 206 -8.05 -8.76 23.03
N GLU A 207 -7.74 -9.93 23.59
CA GLU A 207 -7.00 -9.97 24.85
C GLU A 207 -5.52 -10.16 24.57
N LYS A 208 -4.67 -9.65 25.46
CA LYS A 208 -3.21 -9.88 25.39
C LYS A 208 -2.64 -9.48 24.04
N ALA A 209 -2.97 -8.28 23.57
CA ALA A 209 -2.63 -7.85 22.21
C ALA A 209 -1.32 -7.10 22.20
N ASN A 210 -0.47 -7.43 21.24
CA ASN A 210 0.80 -6.76 21.05
C ASN A 210 0.57 -5.34 20.54
N CYS A 211 1.18 -4.34 21.16
CA CYS A 211 0.97 -2.95 20.74
C CYS A 211 2.29 -2.28 20.48
N ILE A 212 2.46 -1.74 19.29
CA ILE A 212 3.69 -1.06 18.96
C ILE A 212 3.42 0.44 19.06
N VAL A 213 4.30 1.13 19.78
CA VAL A 213 4.22 2.58 19.84
C VAL A 213 5.19 3.15 18.82
N ASP A 214 4.62 3.76 17.78
CA ASP A 214 5.36 4.19 16.59
C ASP A 214 5.16 5.66 16.23
N SER A 215 6.05 6.52 16.71
CA SER A 215 5.93 7.94 16.41
C SER A 215 6.04 8.27 14.90
N GLY A 216 6.42 7.29 14.08
CA GLY A 216 6.49 7.52 12.65
C GLY A 216 5.38 6.86 11.84
N THR A 217 4.30 6.45 12.51
CA THR A 217 3.13 5.85 11.86
C THR A 217 2.04 6.87 12.01
N SER A 218 1.54 7.39 10.89
CA SER A 218 0.63 8.56 10.92
C SER A 218 -0.76 8.22 11.41
N ALA A 219 -1.08 6.93 11.46
CA ALA A 219 -2.40 6.44 11.85
C ALA A 219 -2.38 5.52 13.10
N ILE A 220 -3.49 4.84 13.37
CA ILE A 220 -3.61 3.81 14.39
C ILE A 220 -3.90 2.56 13.61
N THR A 221 -3.18 1.50 13.90
CA THR A 221 -3.19 0.32 13.05
C THR A 221 -3.85 -0.83 13.76
N VAL A 222 -4.88 -1.38 13.15
CA VAL A 222 -5.70 -2.41 13.78
C VAL A 222 -5.60 -3.71 12.93
N PRO A 223 -5.74 -4.91 13.54
CA PRO A 223 -5.87 -6.16 12.78
C PRO A 223 -7.12 -6.17 11.90
N THR A 224 -7.02 -6.77 10.71
CA THR A 224 -7.99 -6.49 9.65
C THR A 224 -9.33 -7.10 9.96
N ASP A 225 -9.30 -8.17 10.73
CA ASP A 225 -10.52 -8.85 11.10
C ASP A 225 -11.21 -8.04 12.20
N PHE A 226 -10.41 -7.47 13.10
CA PHE A 226 -10.92 -6.71 14.22
C PHE A 226 -11.57 -5.42 13.70
N LEU A 227 -10.95 -4.85 12.68
CA LEU A 227 -11.36 -3.57 12.15
C LEU A 227 -12.60 -3.76 11.29
N ASN A 228 -12.77 -4.98 10.78
CA ASN A 228 -13.88 -5.25 9.91
C ASN A 228 -15.11 -5.56 10.72
N LYS A 229 -14.89 -6.11 11.90
CA LYS A 229 -15.97 -6.33 12.86
C LYS A 229 -16.35 -4.99 13.45
N MET A 230 -15.39 -4.08 13.49
CA MET A 230 -15.58 -2.81 14.16
C MET A 230 -16.48 -1.83 13.39
N LEU A 231 -16.20 -1.68 12.09
CA LEU A 231 -16.99 -0.85 11.19
C LEU A 231 -18.43 -1.36 11.00
N GLN A 232 -18.56 -2.64 10.72
CA GLN A 232 -19.84 -3.35 10.65
C GLN A 232 -21.13 -2.53 10.75
N ASN A 233 -21.52 -2.08 11.94
CA ASN A 233 -22.78 -1.31 12.01
C ASN A 233 -22.67 0.20 12.16
N LEU A 234 -21.46 0.74 12.24
CA LEU A 234 -21.33 2.20 12.26
C LEU A 234 -21.60 2.70 10.86
N ASP A 235 -22.05 3.94 10.77
CA ASP A 235 -22.43 4.52 9.48
C ASP A 235 -21.18 5.11 8.85
N VAL A 236 -20.26 4.22 8.52
CA VAL A 236 -19.00 4.57 7.88
C VAL A 236 -19.03 4.02 6.48
N ILE A 237 -18.23 4.59 5.59
CA ILE A 237 -18.16 4.10 4.23
C ILE A 237 -16.72 3.77 3.93
N LYS A 238 -16.46 2.50 3.65
CA LYS A 238 -15.18 2.16 3.06
C LYS A 238 -15.32 2.35 1.56
N VAL A 239 -14.60 3.33 1.01
CA VAL A 239 -14.49 3.47 -0.44
C VAL A 239 -13.89 2.20 -1.08
N PRO A 240 -14.62 1.61 -2.03
CA PRO A 240 -14.40 0.22 -2.47
C PRO A 240 -13.00 -0.40 -2.46
N PHE A 241 -11.95 0.17 -3.05
CA PHE A 241 -10.69 -0.57 -2.85
C PHE A 241 -9.63 0.17 -2.08
N LEU A 242 -10.08 1.16 -1.32
CA LEU A 242 -9.17 2.01 -0.59
C LEU A 242 -9.32 1.82 0.93
N PRO A 243 -8.25 2.09 1.65
CA PRO A 243 -8.31 2.27 3.10
C PRO A 243 -8.84 3.67 3.39
N PHE A 244 -9.99 4.01 2.80
CA PHE A 244 -10.53 5.36 2.94
C PHE A 244 -11.89 5.31 3.59
N TYR A 245 -11.95 5.50 4.92
CA TYR A 245 -13.21 5.40 5.67
C TYR A 245 -13.77 6.77 6.07
N VAL A 246 -15.01 7.05 5.67
CA VAL A 246 -15.64 8.37 5.81
C VAL A 246 -16.92 8.34 6.65
N THR A 247 -17.13 9.34 7.53
CA THR A 247 -18.34 9.46 8.36
C THR A 247 -18.68 10.91 8.62
N LEU A 248 -19.84 11.11 9.24
CA LEU A 248 -20.17 12.37 9.86
C LEU A 248 -19.31 12.51 11.09
N CYS A 249 -18.77 13.69 11.30
CA CYS A 249 -17.99 13.95 12.51
C CYS A 249 -18.82 13.73 13.75
N ASN A 250 -20.12 14.03 13.66
CA ASN A 250 -21.04 13.78 14.77
C ASN A 250 -21.62 12.39 14.86
N ASN A 251 -21.15 11.46 14.03
CA ASN A 251 -21.65 10.09 14.05
C ASN A 251 -21.56 9.62 15.49
N SER A 252 -22.71 9.60 16.17
CA SER A 252 -22.71 9.42 17.62
C SER A 252 -22.68 7.95 17.97
N LYS A 253 -22.22 7.15 17.02
CA LYS A 253 -22.24 5.71 17.13
C LYS A 253 -20.80 5.23 17.15
N LEU A 254 -19.88 6.16 16.97
CA LEU A 254 -18.46 5.85 16.90
C LEU A 254 -17.90 5.47 18.28
N PRO A 255 -17.19 4.33 18.33
CA PRO A 255 -16.72 3.77 19.60
C PRO A 255 -15.50 4.49 20.11
N THR A 256 -15.25 4.38 21.41
CA THR A 256 -13.95 4.74 22.00
C THR A 256 -13.09 3.49 22.04
N PHE A 257 -11.82 3.62 21.66
CA PHE A 257 -10.85 2.54 21.83
C PHE A 257 -10.45 2.50 23.29
N GLU A 258 -10.23 1.32 23.82
CA GLU A 258 -9.90 1.22 25.22
C GLU A 258 -8.87 0.13 25.39
N PHE A 259 -7.67 0.52 25.78
CA PHE A 259 -6.62 -0.44 26.09
C PHE A 259 -6.36 -0.43 27.59
N THR A 260 -6.08 -1.61 28.13
CA THR A 260 -6.04 -1.83 29.57
C THR A 260 -4.96 -2.81 29.94
N SER A 261 -4.50 -2.70 31.19
CA SER A 261 -3.57 -3.63 31.83
C SER A 261 -3.82 -3.54 33.33
N GLU A 262 -3.01 -4.25 34.14
CA GLU A 262 -3.06 -4.11 35.60
C GLU A 262 -3.01 -2.62 35.98
N ASN A 263 -2.04 -1.91 35.44
CA ASN A 263 -1.66 -0.58 35.94
C ASN A 263 -2.51 0.59 35.44
N GLY A 264 -3.02 0.47 34.20
CA GLY A 264 -3.67 1.60 33.56
C GLY A 264 -4.72 1.28 32.52
N LYS A 265 -5.45 2.33 32.14
CA LYS A 265 -6.49 2.27 31.11
C LYS A 265 -6.26 3.40 30.10
N TYR A 266 -6.14 3.05 28.83
CA TYR A 266 -5.92 4.09 27.83
C TYR A 266 -7.01 4.17 26.76
N THR A 267 -7.75 5.25 26.81
CA THR A 267 -8.82 5.44 25.87
C THR A 267 -8.35 6.41 24.82
N LEU A 268 -8.88 6.22 23.60
CA LEU A 268 -8.67 7.13 22.47
C LEU A 268 -10.02 7.36 21.82
N GLU A 269 -10.63 8.50 22.08
CA GLU A 269 -12.02 8.72 21.65
C GLU A 269 -12.14 9.32 20.24
N PRO A 270 -13.33 9.30 19.64
CA PRO A 270 -13.45 9.65 18.23
C PRO A 270 -12.71 10.95 17.89
N GLU A 271 -12.88 11.99 18.69
CA GLU A 271 -12.11 13.23 18.53
C GLU A 271 -10.58 13.05 18.37
N TYR A 272 -10.07 11.83 18.52
CA TYR A 272 -8.63 11.65 18.35
C TYR A 272 -8.22 10.92 17.09
N TYR A 273 -9.09 10.08 16.53
CA TYR A 273 -8.77 9.41 15.28
C TYR A 273 -9.54 9.93 14.07
N LEU A 274 -10.19 11.07 14.22
CA LEU A 274 -10.94 11.65 13.11
C LEU A 274 -10.19 12.81 12.50
N GLN A 275 -9.95 12.74 11.18
CA GLN A 275 -9.47 13.92 10.45
C GLN A 275 -10.59 14.58 9.61
N HIS A 276 -10.76 15.89 9.84
CA HIS A 276 -11.76 16.68 9.16
C HIS A 276 -11.48 16.71 7.69
N ILE A 277 -12.47 16.36 6.89
CA ILE A 277 -12.38 16.47 5.44
C ILE A 277 -13.49 17.36 4.94
N GLU A 278 -13.46 18.61 5.38
CA GLU A 278 -14.44 19.64 5.04
C GLU A 278 -14.46 19.94 3.55
N ASP A 279 -13.28 19.96 2.95
CA ASP A 279 -13.12 20.26 1.53
C ASP A 279 -13.77 19.21 0.65
N VAL A 280 -13.88 17.98 1.16
CA VAL A 280 -14.55 16.91 0.42
C VAL A 280 -16.06 17.08 0.55
N GLY A 281 -16.55 17.17 1.78
CA GLY A 281 -17.95 17.44 2.02
C GLY A 281 -18.17 18.04 3.38
N PRO A 282 -19.17 18.90 3.50
CA PRO A 282 -19.59 19.46 4.79
C PRO A 282 -19.81 18.45 5.95
N GLY A 283 -19.13 18.72 7.08
CA GLY A 283 -19.31 17.97 8.30
C GLY A 283 -18.72 16.59 8.24
N LEU A 284 -17.90 16.35 7.22
CA LEU A 284 -17.31 15.04 7.00
C LEU A 284 -15.94 14.82 7.66
N CYS A 285 -15.73 13.59 8.10
CA CYS A 285 -14.49 13.14 8.71
C CYS A 285 -14.02 11.80 8.13
N MET A 286 -12.73 11.57 8.24
CA MET A 286 -12.21 10.28 7.91
C MET A 286 -11.62 9.63 9.16
N LEU A 287 -11.72 8.30 9.20
CA LEU A 287 -11.13 7.53 10.27
C LEU A 287 -9.70 7.30 9.91
N ASN A 288 -8.80 7.86 10.72
CA ASN A 288 -7.35 7.64 10.66
C ASN A 288 -6.93 6.25 11.17
N ILE A 289 -7.60 5.20 10.70
CA ILE A 289 -7.26 3.84 11.08
C ILE A 289 -6.96 3.00 9.84
N ILE A 290 -5.83 2.31 9.85
CA ILE A 290 -5.47 1.32 8.83
C ILE A 290 -5.83 -0.05 9.34
N GLY A 291 -6.02 -0.98 8.41
CA GLY A 291 -6.17 -2.38 8.75
C GLY A 291 -4.87 -3.02 8.36
N LEU A 292 -4.14 -3.52 9.34
CA LEU A 292 -2.88 -4.17 9.04
C LEU A 292 -2.76 -5.45 9.83
N ASP A 293 -2.09 -6.46 9.27
CA ASP A 293 -1.90 -7.73 9.96
C ASP A 293 -0.45 -8.07 10.05
N PHE A 294 0.04 -8.24 11.26
CA PHE A 294 1.37 -8.78 11.45
C PHE A 294 1.27 -10.31 11.60
N PRO A 295 2.37 -11.00 11.88
CA PRO A 295 2.29 -12.47 12.05
C PRO A 295 1.51 -12.80 13.32
N VAL A 296 1.73 -12.03 14.38
CA VAL A 296 0.89 -12.15 15.56
C VAL A 296 -0.04 -10.92 15.62
N PRO A 297 -1.31 -11.10 15.99
CA PRO A 297 -2.24 -9.98 16.17
C PRO A 297 -1.55 -8.76 16.79
N THR A 298 -1.64 -7.59 16.15
CA THR A 298 -0.91 -6.40 16.62
C THR A 298 -1.74 -5.15 16.43
N PHE A 299 -1.54 -4.18 17.31
CA PHE A 299 -2.05 -2.84 17.09
C PHE A 299 -0.86 -1.93 16.94
N ILE A 300 -0.99 -0.83 16.22
CA ILE A 300 0.06 0.16 16.26
C ILE A 300 -0.50 1.44 16.77
N LEU A 301 -0.03 1.86 17.94
CA LEU A 301 -0.43 3.13 18.50
C LEU A 301 0.51 4.19 17.98
N GLY A 302 0.13 4.78 16.84
CA GLY A 302 0.92 5.82 16.24
C GLY A 302 0.44 7.21 16.64
N ASP A 303 0.79 8.19 15.83
CA ASP A 303 0.66 9.59 16.15
C ASP A 303 -0.66 9.92 16.80
N PRO A 304 -1.79 9.48 16.25
CA PRO A 304 -3.06 9.77 16.92
C PRO A 304 -2.94 9.50 18.43
N PHE A 305 -2.52 8.32 18.82
CA PHE A 305 -2.37 7.94 20.22
C PHE A 305 -1.52 8.95 21.01
N MET A 306 -0.31 9.16 20.50
CA MET A 306 0.69 10.04 21.07
C MET A 306 0.28 11.50 21.07
N ARG A 307 -0.75 11.85 20.33
CA ARG A 307 -1.20 13.23 20.36
C ARG A 307 -1.96 13.46 21.66
N LYS A 308 -2.54 12.41 22.22
CA LYS A 308 -3.30 12.48 23.46
C LYS A 308 -2.39 12.26 24.67
N TYR A 309 -1.47 11.31 24.50
CA TYR A 309 -0.64 10.78 25.57
C TYR A 309 0.80 11.13 25.37
N PHE A 310 1.37 11.78 26.37
CA PHE A 310 2.83 11.92 26.51
C PHE A 310 3.44 10.53 26.72
N THR A 311 4.51 10.22 25.99
CA THR A 311 5.12 8.89 26.05
C THR A 311 6.58 8.96 26.41
N VAL A 312 7.02 8.02 27.26
CA VAL A 312 8.38 7.95 27.76
C VAL A 312 8.94 6.59 27.39
N PHE A 313 10.10 6.61 26.76
CA PHE A 313 10.73 5.44 26.16
C PHE A 313 12.06 5.18 26.88
N ASP A 314 12.06 4.15 27.74
CA ASP A 314 13.14 3.91 28.69
C ASP A 314 13.90 2.64 28.34
N TYR A 315 15.13 2.76 27.88
CA TYR A 315 15.95 1.58 27.55
C TYR A 315 16.48 0.91 28.83
N ASP A 316 16.98 1.74 29.75
CA ASP A 316 17.50 1.29 31.03
C ASP A 316 16.54 0.30 31.68
N ASN A 317 15.30 0.74 31.87
CA ASN A 317 14.24 0.03 32.60
C ASN A 317 13.25 -0.71 31.69
N HIS A 318 13.67 -0.91 30.43
CA HIS A 318 12.94 -1.69 29.41
C HIS A 318 11.45 -1.42 29.32
N SER A 319 11.00 -0.17 29.32
CA SER A 319 9.55 0.06 29.37
C SER A 319 9.02 1.32 28.67
N VAL A 320 7.71 1.39 28.47
CA VAL A 320 7.07 2.60 27.98
C VAL A 320 6.23 3.20 29.10
N GLY A 321 6.34 4.52 29.25
CA GLY A 321 5.56 5.23 30.25
C GLY A 321 4.59 6.20 29.60
N ILE A 322 3.34 6.19 30.08
CA ILE A 322 2.24 6.89 29.42
C ILE A 322 1.49 7.73 30.42
N ALA A 323 1.33 9.00 30.11
CA ALA A 323 0.52 9.89 30.92
C ALA A 323 -0.06 10.95 30.00
N LEU A 324 -1.24 11.43 30.33
CA LEU A 324 -1.98 12.43 29.52
C LEU A 324 -1.21 13.71 29.20
N ALA A 325 -0.92 13.97 27.93
CA ALA A 325 -0.21 15.19 27.54
C ALA A 325 -0.92 16.50 27.94
N LYS A 326 -0.15 17.54 28.28
CA LYS A 326 -0.70 18.86 28.60
C LYS A 326 -1.43 19.47 27.41
N LYS A 327 -2.59 20.08 27.66
CA LYS A 327 -3.36 20.75 26.60
C LYS A 327 -2.53 21.85 25.92
N ASN A 328 -2.00 22.78 26.74
CA ASN A 328 -1.10 23.84 26.27
C ASN A 328 0.05 24.05 27.26
N LEU A 329 1.25 24.25 26.70
CA LEU A 329 2.44 24.60 27.47
C LEU A 329 2.40 26.05 27.96
N SER B 1 -21.88 -17.15 -33.09
CA SER B 1 -20.63 -17.56 -32.35
C SER B 1 -20.28 -19.05 -32.53
N SER B 2 -19.07 -19.41 -32.08
CA SER B 2 -18.59 -20.80 -32.03
C SER B 2 -17.39 -20.93 -31.07
N ASN B 3 -17.25 -19.93 -30.20
CA ASN B 3 -16.13 -19.84 -29.25
C ASN B 3 -16.57 -20.04 -27.80
N ASP B 4 -15.61 -19.94 -26.88
CA ASP B 4 -15.86 -20.16 -25.47
C ASP B 4 -16.03 -18.88 -24.63
N ASN B 5 -17.28 -18.46 -24.49
CA ASN B 5 -17.66 -17.22 -23.77
C ASN B 5 -17.86 -17.39 -22.24
N ILE B 6 -17.09 -16.67 -21.44
CA ILE B 6 -17.24 -16.69 -19.98
C ILE B 6 -17.76 -15.34 -19.52
N GLU B 7 -18.97 -15.34 -18.95
CA GLU B 7 -19.66 -14.08 -18.65
C GLU B 7 -19.04 -13.30 -17.51
N LEU B 8 -19.11 -11.98 -17.61
CA LEU B 8 -18.46 -11.08 -16.68
C LEU B 8 -19.49 -10.24 -15.93
N VAL B 9 -19.30 -10.15 -14.61
CA VAL B 9 -20.17 -9.31 -13.78
C VAL B 9 -19.43 -8.08 -13.30
N ASP B 10 -20.11 -6.95 -13.39
CA ASP B 10 -19.56 -5.70 -12.94
C ASP B 10 -19.59 -5.55 -11.41
N PHE B 11 -18.48 -5.08 -10.82
CA PHE B 11 -18.59 -4.42 -9.52
C PHE B 11 -18.44 -2.91 -9.64
N GLN B 12 -19.57 -2.22 -9.63
CA GLN B 12 -19.60 -0.75 -9.48
C GLN B 12 -18.96 0.12 -10.58
N ASN B 13 -18.55 -0.49 -11.68
CA ASN B 13 -17.72 0.16 -12.71
C ASN B 13 -16.29 0.35 -12.25
N ILE B 14 -15.84 -0.49 -11.32
CA ILE B 14 -14.50 -0.40 -10.76
C ILE B 14 -13.74 -1.67 -11.08
N MET B 15 -14.38 -2.82 -10.82
CA MET B 15 -13.81 -4.12 -11.12
C MET B 15 -14.82 -4.96 -11.90
N PHE B 16 -14.41 -6.12 -12.36
CA PHE B 16 -15.32 -7.12 -12.89
C PHE B 16 -14.84 -8.49 -12.44
N TYR B 17 -15.72 -9.47 -12.51
CA TYR B 17 -15.41 -10.79 -12.00
C TYR B 17 -15.99 -11.77 -12.98
N GLY B 18 -15.53 -13.01 -12.91
CA GLY B 18 -16.11 -14.07 -13.71
C GLY B 18 -15.80 -15.43 -13.14
N ASP B 19 -16.76 -16.34 -13.28
CA ASP B 19 -16.70 -17.62 -12.61
C ASP B 19 -16.03 -18.69 -13.45
N ALA B 20 -15.33 -19.60 -12.77
CA ALA B 20 -14.82 -20.85 -13.36
C ALA B 20 -14.93 -21.99 -12.32
N GLU B 21 -14.90 -23.26 -12.75
CA GLU B 21 -14.87 -24.38 -11.80
C GLU B 21 -13.48 -24.97 -11.64
N VAL B 22 -13.31 -25.73 -10.56
CA VAL B 22 -12.11 -26.56 -10.34
C VAL B 22 -12.59 -27.89 -9.76
N GLY B 23 -11.97 -28.99 -10.20
CA GLY B 23 -12.45 -30.32 -9.88
C GLY B 23 -13.55 -30.79 -10.83
N ASP B 24 -13.73 -32.12 -10.93
CA ASP B 24 -14.69 -32.73 -11.87
C ASP B 24 -16.16 -32.49 -11.48
N ASN B 25 -16.41 -32.45 -10.17
CA ASN B 25 -17.71 -32.01 -9.66
C ASN B 25 -17.87 -30.51 -9.87
N GLN B 26 -18.96 -29.95 -9.35
CA GLN B 26 -19.22 -28.51 -9.45
C GLN B 26 -18.00 -27.71 -8.98
N GLN B 27 -17.98 -27.41 -7.68
CA GLN B 27 -16.97 -26.56 -7.04
C GLN B 27 -16.75 -25.26 -7.82
N PRO B 28 -17.66 -24.30 -7.60
CA PRO B 28 -17.64 -23.03 -8.33
C PRO B 28 -16.87 -21.92 -7.58
N PHE B 29 -16.17 -21.06 -8.32
CA PHE B 29 -15.41 -19.93 -7.73
C PHE B 29 -15.62 -18.62 -8.50
N THR B 30 -15.39 -17.49 -7.83
CA THR B 30 -15.48 -16.17 -8.44
C THR B 30 -14.08 -15.65 -8.55
N PHE B 31 -13.71 -15.20 -9.75
CA PHE B 31 -12.33 -14.91 -10.00
C PHE B 31 -12.07 -13.49 -10.38
N ILE B 32 -10.86 -13.03 -10.05
CA ILE B 32 -10.28 -11.90 -10.76
C ILE B 32 -9.58 -12.52 -11.95
N LEU B 33 -10.02 -12.12 -13.14
CA LEU B 33 -9.42 -12.58 -14.38
C LEU B 33 -8.35 -11.58 -14.76
N ASP B 34 -7.12 -12.05 -14.81
CA ASP B 34 -5.97 -11.17 -14.64
C ASP B 34 -4.84 -11.30 -15.69
N THR B 35 -4.96 -10.57 -16.80
CA THR B 35 -3.86 -10.48 -17.76
C THR B 35 -2.63 -9.91 -17.07
N GLY B 36 -2.84 -9.43 -15.84
CA GLY B 36 -1.80 -8.83 -15.04
C GLY B 36 -0.82 -9.81 -14.42
N SER B 37 -1.21 -11.10 -14.34
CA SER B 37 -0.42 -12.14 -13.66
C SER B 37 -0.59 -13.46 -14.38
N ALA B 38 0.13 -14.51 -13.96
CA ALA B 38 0.08 -15.78 -14.73
C ALA B 38 0.03 -17.05 -13.89
N ASN B 39 -0.62 -16.93 -12.73
CA ASN B 39 -0.88 -18.07 -11.89
C ASN B 39 -2.35 -18.14 -11.61
N LEU B 40 -2.82 -19.36 -11.38
CA LEU B 40 -4.15 -19.58 -10.82
C LEU B 40 -4.03 -19.98 -9.34
N TRP B 41 -4.80 -19.31 -8.49
CA TRP B 41 -4.94 -19.70 -7.09
C TRP B 41 -6.39 -19.78 -6.63
N VAL B 42 -6.60 -20.52 -5.56
CA VAL B 42 -7.95 -20.83 -5.10
C VAL B 42 -7.90 -21.01 -3.58
N PRO B 43 -8.92 -20.54 -2.87
CA PRO B 43 -8.93 -20.63 -1.39
C PRO B 43 -9.20 -22.04 -0.92
N SER B 44 -8.31 -22.58 -0.10
CA SER B 44 -8.46 -23.95 0.37
C SER B 44 -9.51 -24.11 1.50
N VAL B 45 -9.88 -25.37 1.75
CA VAL B 45 -10.73 -25.71 2.88
C VAL B 45 -9.87 -25.79 4.16
N LYS B 46 -8.59 -26.12 4.00
CA LYS B 46 -7.70 -26.19 5.15
C LYS B 46 -7.38 -24.79 5.72
N CYS B 47 -8.07 -23.78 5.18
CA CYS B 47 -7.82 -22.38 5.54
C CYS B 47 -8.76 -21.78 6.60
N THR B 48 -8.15 -21.28 7.68
CA THR B 48 -8.89 -20.87 8.87
C THR B 48 -8.78 -19.35 9.13
N THR B 49 -8.44 -18.60 8.08
CA THR B 49 -8.41 -17.14 8.09
C THR B 49 -9.83 -16.61 8.23
N ALA B 50 -9.94 -15.44 8.84
CA ALA B 50 -11.15 -14.64 8.83
C ALA B 50 -11.65 -14.37 7.38
N GLY B 51 -10.72 -14.36 6.43
CA GLY B 51 -11.02 -14.04 5.04
C GLY B 51 -11.72 -15.15 4.29
N CYS B 52 -11.10 -16.31 4.26
CA CYS B 52 -11.66 -17.49 3.64
C CYS B 52 -13.00 -17.85 4.23
N LEU B 53 -13.21 -17.47 5.48
CA LEU B 53 -14.44 -17.85 6.16
C LEU B 53 -15.68 -17.31 5.46
N THR B 54 -15.55 -16.20 4.73
CA THR B 54 -16.64 -15.70 3.87
C THR B 54 -16.64 -16.24 2.41
N LYS B 55 -15.55 -16.85 1.95
CA LYS B 55 -15.44 -17.26 0.56
C LYS B 55 -15.92 -18.69 0.27
N HIS B 56 -16.08 -19.02 -1.01
CA HIS B 56 -16.29 -20.40 -1.47
C HIS B 56 -14.94 -21.10 -1.42
N LEU B 57 -14.82 -22.12 -0.55
CA LEU B 57 -13.53 -22.79 -0.30
C LEU B 57 -13.36 -24.06 -1.15
N TYR B 58 -12.11 -24.47 -1.37
CA TYR B 58 -11.84 -25.60 -2.27
C TYR B 58 -11.42 -26.90 -1.56
N ASP B 59 -12.15 -27.98 -1.91
CA ASP B 59 -12.02 -29.29 -1.28
C ASP B 59 -11.30 -30.33 -2.14
N SER B 60 -10.02 -30.56 -1.87
CA SER B 60 -9.18 -31.45 -2.69
C SER B 60 -9.47 -32.95 -2.55
N SER B 61 -10.33 -33.30 -1.61
CA SER B 61 -10.61 -34.70 -1.35
C SER B 61 -12.03 -35.06 -1.82
N LYS B 62 -12.64 -34.16 -2.58
CA LYS B 62 -13.97 -34.40 -3.10
C LYS B 62 -14.01 -34.25 -4.62
N SER B 63 -12.84 -34.34 -5.24
CA SER B 63 -12.71 -34.27 -6.69
C SER B 63 -11.85 -35.43 -7.21
N ARG B 64 -12.47 -36.36 -7.96
CA ARG B 64 -11.81 -37.59 -8.43
C ARG B 64 -10.45 -37.40 -9.15
N THR B 65 -10.21 -36.20 -9.68
CA THR B 65 -9.02 -35.93 -10.51
C THR B 65 -7.94 -35.06 -9.82
N TYR B 66 -7.93 -35.04 -8.50
CA TYR B 66 -6.88 -34.37 -7.73
C TYR B 66 -5.49 -35.02 -7.89
N GLU B 67 -4.42 -34.27 -7.61
CA GLU B 67 -3.06 -34.80 -7.73
C GLU B 67 -2.08 -34.03 -6.86
N LYS B 68 -1.81 -34.57 -5.67
CA LYS B 68 -0.98 -33.90 -4.66
C LYS B 68 0.33 -33.32 -5.20
N ASP B 69 0.83 -32.28 -4.53
CA ASP B 69 2.13 -31.66 -4.86
C ASP B 69 2.72 -31.04 -3.59
N GLY B 70 1.99 -30.09 -3.00
CA GLY B 70 2.34 -29.50 -1.72
C GLY B 70 3.61 -28.66 -1.62
N THR B 71 4.19 -28.27 -2.77
CA THR B 71 5.32 -27.33 -2.75
C THR B 71 4.88 -25.92 -2.32
N LYS B 72 5.54 -25.40 -1.29
CA LYS B 72 5.26 -24.08 -0.74
C LYS B 72 5.61 -22.96 -1.73
N VAL B 73 4.67 -22.02 -1.91
CA VAL B 73 4.87 -20.82 -2.74
C VAL B 73 4.20 -19.56 -2.19
N GLU B 74 4.99 -18.49 -2.10
CA GLU B 74 4.53 -17.14 -1.78
C GLU B 74 4.22 -16.40 -3.08
N MET B 75 2.95 -16.07 -3.28
CA MET B 75 2.50 -15.35 -4.47
C MET B 75 2.32 -13.84 -4.17
N ASN B 76 3.15 -12.97 -4.76
CA ASN B 76 3.03 -11.52 -4.48
C ASN B 76 2.58 -10.63 -5.63
N TYR B 77 1.73 -9.66 -5.28
CA TYR B 77 1.25 -8.65 -6.21
C TYR B 77 1.61 -7.28 -5.64
N VAL B 78 1.37 -6.24 -6.40
CA VAL B 78 1.56 -4.86 -5.97
C VAL B 78 0.66 -4.56 -4.78
N SER B 79 -0.55 -5.13 -4.83
CA SER B 79 -1.59 -4.86 -3.84
C SER B 79 -1.54 -5.76 -2.61
N GLY B 80 -0.66 -6.75 -2.64
CA GLY B 80 -0.53 -7.64 -1.51
C GLY B 80 -0.03 -9.03 -1.86
N THR B 81 -0.01 -9.88 -0.84
CA THR B 81 0.58 -11.20 -0.93
C THR B 81 -0.42 -12.26 -0.46
N VAL B 82 -0.14 -13.51 -0.84
CA VAL B 82 -1.04 -14.64 -0.59
C VAL B 82 -0.13 -15.85 -0.57
N SER B 83 -0.41 -16.80 0.33
CA SER B 83 0.48 -17.94 0.55
C SER B 83 -0.21 -19.30 0.49
N GLY B 84 0.60 -20.36 0.38
CA GLY B 84 0.10 -21.72 0.38
C GLY B 84 1.02 -22.66 -0.38
N PHE B 85 0.43 -23.62 -1.06
CA PHE B 85 1.18 -24.66 -1.79
C PHE B 85 0.56 -24.99 -3.15
N PHE B 86 1.33 -25.66 -4.00
CA PHE B 86 0.82 -26.09 -5.31
C PHE B 86 -0.10 -27.30 -5.24
N SER B 87 -0.81 -27.54 -6.34
CA SER B 87 -1.72 -28.67 -6.50
C SER B 87 -2.07 -28.74 -7.98
N LYS B 88 -2.67 -29.86 -8.42
CA LYS B 88 -3.08 -30.06 -9.81
C LYS B 88 -4.44 -30.74 -9.85
N ASP B 89 -5.24 -30.42 -10.88
CA ASP B 89 -6.65 -30.82 -10.95
C ASP B 89 -7.29 -30.21 -12.21
N LEU B 90 -8.56 -30.51 -12.44
CA LEU B 90 -9.25 -30.10 -13.65
C LEU B 90 -9.87 -28.71 -13.56
N VAL B 91 -9.21 -27.74 -14.19
CA VAL B 91 -9.74 -26.39 -14.33
C VAL B 91 -10.68 -26.33 -15.53
N THR B 92 -11.88 -25.83 -15.29
CA THR B 92 -12.95 -25.76 -16.28
C THR B 92 -13.44 -24.31 -16.48
N VAL B 93 -13.30 -23.79 -17.70
CA VAL B 93 -13.79 -22.47 -18.08
C VAL B 93 -14.78 -22.56 -19.24
N GLY B 94 -15.79 -21.69 -19.25
CA GLY B 94 -16.89 -21.76 -20.20
C GLY B 94 -17.41 -23.18 -20.20
N ASN B 95 -17.14 -23.91 -21.27
CA ASN B 95 -17.35 -25.35 -21.24
C ASN B 95 -16.11 -26.12 -21.66
N LEU B 96 -14.96 -25.46 -21.74
CA LEU B 96 -13.70 -26.14 -21.99
C LEU B 96 -13.01 -26.55 -20.68
N SER B 97 -12.14 -27.56 -20.74
CA SER B 97 -11.55 -28.16 -19.54
C SER B 97 -10.14 -28.61 -19.79
N LEU B 98 -9.33 -28.71 -18.74
CA LEU B 98 -8.00 -29.33 -18.81
C LEU B 98 -7.45 -29.63 -17.43
N PRO B 99 -6.56 -30.62 -17.31
CA PRO B 99 -5.74 -30.76 -16.11
C PRO B 99 -4.84 -29.54 -16.03
N TYR B 100 -4.65 -28.97 -14.85
CA TYR B 100 -3.82 -27.77 -14.68
C TYR B 100 -3.13 -27.70 -13.33
N LYS B 101 -1.95 -27.07 -13.29
CA LYS B 101 -1.27 -26.80 -12.03
C LYS B 101 -1.61 -25.39 -11.50
N PHE B 102 -2.24 -25.36 -10.31
CA PHE B 102 -2.70 -24.14 -9.64
C PHE B 102 -2.26 -24.09 -8.16
N ILE B 103 -2.50 -22.95 -7.50
CA ILE B 103 -2.11 -22.78 -6.11
C ILE B 103 -3.28 -22.91 -5.12
N GLU B 104 -3.06 -23.71 -4.08
CA GLU B 104 -4.02 -23.89 -2.99
C GLU B 104 -3.60 -23.00 -1.83
N VAL B 105 -4.52 -22.11 -1.45
CA VAL B 105 -4.20 -21.00 -0.56
C VAL B 105 -4.60 -21.25 0.90
N ILE B 106 -3.63 -21.05 1.81
CA ILE B 106 -3.81 -21.28 3.26
C ILE B 106 -3.60 -20.00 4.10
N ASP B 107 -2.93 -18.99 3.54
CA ASP B 107 -2.81 -17.68 4.19
C ASP B 107 -3.32 -16.54 3.28
N THR B 108 -4.21 -15.70 3.79
CA THR B 108 -4.74 -14.57 3.01
C THR B 108 -4.58 -13.21 3.70
N ASN B 109 -3.94 -13.17 4.87
CA ASN B 109 -3.87 -11.90 5.61
C ASN B 109 -3.05 -10.82 4.87
N GLY B 110 -2.13 -11.27 4.01
CA GLY B 110 -1.35 -10.37 3.16
C GLY B 110 -2.18 -9.57 2.16
N PHE B 111 -3.44 -9.98 1.94
CA PHE B 111 -4.32 -9.34 0.97
C PHE B 111 -5.56 -8.70 1.62
N GLU B 112 -5.42 -8.31 2.89
CA GLU B 112 -6.50 -7.71 3.63
C GLU B 112 -6.20 -6.23 3.88
N PRO B 113 -7.20 -5.36 4.00
CA PRO B 113 -8.63 -5.71 4.04
C PRO B 113 -9.39 -5.87 2.70
N THR B 114 -8.69 -5.83 1.57
CA THR B 114 -9.36 -5.92 0.26
C THR B 114 -10.09 -7.26 0.00
N TYR B 115 -9.45 -8.39 0.34
CA TYR B 115 -10.05 -9.72 0.19
C TYR B 115 -11.43 -9.88 0.82
N THR B 116 -11.56 -9.60 2.11
CA THR B 116 -12.83 -9.76 2.81
C THR B 116 -13.85 -8.74 2.32
N ALA B 117 -13.37 -7.56 1.91
CA ALA B 117 -14.28 -6.50 1.42
C ALA B 117 -14.93 -6.83 0.08
N SER B 118 -14.14 -7.43 -0.82
CA SER B 118 -14.54 -7.78 -2.16
C SER B 118 -15.26 -9.12 -2.26
N THR B 119 -16.04 -9.31 -3.32
CA THR B 119 -16.72 -10.59 -3.61
C THR B 119 -15.91 -11.70 -4.31
N PHE B 120 -14.68 -11.46 -4.72
CA PHE B 120 -13.99 -12.52 -5.47
C PHE B 120 -13.41 -13.59 -4.55
N ASP B 121 -13.26 -14.82 -5.07
CA ASP B 121 -12.71 -15.95 -4.29
C ASP B 121 -11.21 -16.10 -4.52
N GLY B 122 -10.77 -15.95 -5.77
CA GLY B 122 -9.37 -16.14 -6.12
C GLY B 122 -8.94 -15.41 -7.39
N ILE B 123 -7.72 -15.68 -7.83
CA ILE B 123 -7.20 -14.97 -9.00
C ILE B 123 -6.65 -15.93 -10.03
N LEU B 124 -7.19 -15.80 -11.24
CA LEU B 124 -6.86 -16.62 -12.39
C LEU B 124 -6.04 -15.75 -13.33
N GLY B 125 -4.72 -15.94 -13.33
CA GLY B 125 -3.83 -15.19 -14.21
C GLY B 125 -4.03 -15.43 -15.71
N LEU B 126 -3.61 -14.49 -16.54
CA LEU B 126 -3.70 -14.72 -17.99
C LEU B 126 -2.49 -14.16 -18.75
N GLY B 127 -1.34 -14.11 -18.08
CA GLY B 127 -0.12 -13.60 -18.67
C GLY B 127 0.70 -14.66 -19.37
N TRP B 128 2.00 -14.40 -19.53
CA TRP B 128 2.95 -15.34 -20.14
C TRP B 128 3.74 -16.16 -19.11
N LYS B 129 4.25 -17.32 -19.55
CA LYS B 129 4.94 -18.28 -18.66
C LYS B 129 6.10 -17.67 -17.85
N ASP B 130 6.81 -16.70 -18.42
CA ASP B 130 7.96 -16.08 -17.73
C ASP B 130 7.52 -15.23 -16.54
N LEU B 131 6.21 -14.96 -16.49
CA LEU B 131 5.62 -14.14 -15.42
C LEU B 131 5.04 -15.05 -14.33
N SER B 132 4.77 -16.29 -14.73
CA SER B 132 4.29 -17.34 -13.82
C SER B 132 5.36 -17.70 -12.80
N ILE B 133 4.92 -18.31 -11.73
CA ILE B 133 5.80 -18.88 -10.73
C ILE B 133 5.61 -20.40 -10.80
N GLY B 134 6.72 -21.13 -10.94
CA GLY B 134 6.69 -22.56 -11.23
C GLY B 134 6.40 -22.95 -12.68
N SER B 135 6.92 -22.15 -13.62
CA SER B 135 6.69 -22.29 -15.08
C SER B 135 5.40 -23.04 -15.46
N VAL B 136 4.29 -22.30 -15.48
CA VAL B 136 2.99 -22.88 -15.86
C VAL B 136 2.54 -22.25 -17.19
N ASP B 137 2.42 -23.10 -18.19
CA ASP B 137 2.06 -22.63 -19.51
C ASP B 137 0.62 -22.15 -19.46
N PRO B 138 0.36 -20.94 -19.96
CA PRO B 138 -0.95 -20.33 -19.80
C PRO B 138 -2.05 -21.26 -20.32
N ILE B 139 -3.19 -21.26 -19.64
CA ILE B 139 -4.33 -22.04 -20.04
C ILE B 139 -4.60 -21.98 -21.55
N VAL B 140 -4.71 -20.76 -22.09
CA VAL B 140 -5.14 -20.57 -23.47
C VAL B 140 -4.12 -21.19 -24.43
N VAL B 141 -2.85 -21.06 -24.08
CA VAL B 141 -1.77 -21.66 -24.84
C VAL B 141 -1.87 -23.19 -24.82
N GLU B 142 -2.38 -23.74 -23.71
CA GLU B 142 -2.55 -25.18 -23.57
C GLU B 142 -3.82 -25.68 -24.24
N LEU B 143 -4.86 -24.88 -24.25
CA LEU B 143 -6.08 -25.24 -24.95
C LEU B 143 -5.91 -25.24 -26.48
N LYS B 144 -4.84 -24.62 -26.97
CA LYS B 144 -4.48 -24.72 -28.38
C LYS B 144 -3.68 -26.00 -28.65
N ASN B 145 -2.75 -26.35 -27.75
CA ASN B 145 -1.99 -27.61 -27.86
C ASN B 145 -2.87 -28.84 -27.84
N GLN B 146 -4.01 -28.72 -27.17
CA GLN B 146 -4.97 -29.81 -27.09
C GLN B 146 -6.09 -29.57 -28.13
N ASN B 147 -5.72 -28.83 -29.17
CA ASN B 147 -6.63 -28.38 -30.24
C ASN B 147 -8.09 -28.19 -29.83
N LYS B 148 -8.30 -27.65 -28.64
CA LYS B 148 -9.62 -27.36 -28.12
C LYS B 148 -10.12 -26.00 -28.59
N ILE B 149 -9.21 -25.07 -28.83
CA ILE B 149 -9.59 -23.76 -29.37
C ILE B 149 -9.00 -23.48 -30.76
N GLU B 150 -9.70 -22.68 -31.55
CA GLU B 150 -9.19 -22.22 -32.85
C GLU B 150 -7.80 -21.63 -32.66
N ASN B 151 -7.75 -20.45 -32.04
CA ASN B 151 -6.52 -19.68 -31.83
C ASN B 151 -6.07 -19.57 -30.39
N ALA B 152 -4.76 -19.47 -30.19
CA ALA B 152 -4.17 -19.15 -28.88
C ALA B 152 -4.30 -17.65 -28.54
N LEU B 153 -5.54 -17.25 -28.28
CA LEU B 153 -5.89 -15.85 -28.07
C LEU B 153 -7.15 -15.77 -27.23
N PHE B 154 -7.29 -14.65 -26.51
CA PHE B 154 -8.49 -14.38 -25.74
C PHE B 154 -8.87 -12.90 -25.78
N THR B 155 -10.11 -12.61 -25.44
CA THR B 155 -10.70 -11.35 -25.77
C THR B 155 -11.52 -10.81 -24.59
N PHE B 156 -11.40 -9.51 -24.33
CA PHE B 156 -12.06 -8.93 -23.20
C PHE B 156 -13.06 -7.87 -23.55
N TYR B 157 -14.33 -8.18 -23.32
CA TYR B 157 -15.36 -7.19 -23.50
C TYR B 157 -15.95 -6.99 -22.11
N LEU B 158 -15.70 -5.82 -21.54
CA LEU B 158 -16.03 -5.53 -20.15
C LEU B 158 -17.40 -4.87 -20.02
N PRO B 159 -18.13 -5.28 -18.98
CA PRO B 159 -19.44 -4.69 -18.63
C PRO B 159 -19.37 -3.22 -18.17
N VAL B 160 -20.42 -2.45 -18.48
CA VAL B 160 -20.63 -1.11 -17.92
C VAL B 160 -21.90 -1.15 -17.06
N HIS B 161 -21.91 -0.40 -15.95
CA HIS B 161 -22.92 -0.57 -14.91
C HIS B 161 -24.37 -0.64 -15.42
N ASP B 162 -24.89 0.41 -16.02
CA ASP B 162 -26.30 0.34 -16.39
C ASP B 162 -26.60 0.04 -17.87
N LYS B 163 -25.65 -0.56 -18.56
CA LYS B 163 -25.77 -0.83 -20.00
C LYS B 163 -25.77 -2.32 -20.35
N HIS B 164 -24.70 -3.05 -20.01
CA HIS B 164 -24.59 -4.44 -20.46
C HIS B 164 -23.66 -5.29 -19.60
N THR B 165 -23.67 -6.61 -19.78
CA THR B 165 -22.63 -7.46 -19.20
C THR B 165 -21.50 -7.60 -20.19
N GLY B 166 -20.44 -8.28 -19.80
CA GLY B 166 -19.33 -8.45 -20.70
C GLY B 166 -18.93 -9.90 -20.81
N PHE B 167 -17.90 -10.15 -21.61
CA PHE B 167 -17.43 -11.51 -21.83
C PHE B 167 -15.93 -11.57 -21.96
N LEU B 168 -15.42 -12.69 -21.53
CA LEU B 168 -14.09 -13.13 -21.82
C LEU B 168 -14.27 -14.24 -22.87
N THR B 169 -13.68 -14.05 -24.04
CA THR B 169 -13.83 -15.03 -25.10
C THR B 169 -12.49 -15.74 -25.28
N ILE B 170 -12.52 -17.06 -25.41
CA ILE B 170 -11.32 -17.84 -25.74
C ILE B 170 -11.48 -18.44 -27.13
N GLY B 171 -10.45 -18.24 -27.96
CA GLY B 171 -10.35 -18.86 -29.28
C GLY B 171 -10.51 -18.04 -30.54
N GLY B 172 -11.07 -16.84 -30.47
CA GLY B 172 -11.33 -16.07 -31.67
C GLY B 172 -12.00 -14.73 -31.44
N ILE B 173 -11.93 -13.87 -32.45
CA ILE B 173 -12.43 -12.51 -32.35
C ILE B 173 -13.86 -12.47 -32.86
N GLU B 174 -14.74 -11.83 -32.10
CA GLU B 174 -16.12 -11.68 -32.53
C GLU B 174 -16.43 -10.22 -32.80
N GLU B 175 -17.04 -9.95 -33.95
CA GLU B 175 -17.32 -8.58 -34.38
C GLU B 175 -18.36 -7.86 -33.56
N ARG B 176 -19.24 -8.60 -32.88
CA ARG B 176 -20.37 -8.01 -32.13
C ARG B 176 -19.91 -7.02 -31.05
N PHE B 177 -18.77 -7.37 -30.43
CA PHE B 177 -18.14 -6.64 -29.35
C PHE B 177 -17.61 -5.25 -29.69
N TYR B 178 -16.99 -5.08 -30.87
CA TYR B 178 -16.38 -3.81 -31.25
C TYR B 178 -16.94 -3.13 -32.49
N GLU B 179 -16.75 -1.81 -32.55
CA GLU B 179 -17.03 -1.04 -33.76
C GLU B 179 -15.80 -0.24 -34.20
N GLY B 180 -15.47 -0.32 -35.47
CA GLY B 180 -14.28 0.34 -35.98
C GLY B 180 -13.17 -0.68 -36.18
N PRO B 181 -12.04 -0.19 -36.68
CA PRO B 181 -10.86 -1.03 -36.89
C PRO B 181 -10.17 -1.46 -35.60
N LEU B 182 -9.76 -2.73 -35.55
CA LEU B 182 -8.78 -3.20 -34.57
C LEU B 182 -7.39 -2.67 -34.92
N THR B 183 -6.59 -2.39 -33.91
CA THR B 183 -5.23 -1.98 -34.14
C THR B 183 -4.40 -2.93 -33.33
N TYR B 184 -3.44 -3.58 -33.96
CA TYR B 184 -2.59 -4.52 -33.25
C TYR B 184 -1.28 -3.83 -32.91
N GLU B 185 -0.90 -3.92 -31.65
CA GLU B 185 0.36 -3.41 -31.19
C GLU B 185 1.19 -4.59 -30.72
N LYS B 186 2.47 -4.55 -31.02
CA LYS B 186 3.35 -5.67 -30.75
C LYS B 186 3.88 -5.60 -29.31
N LEU B 187 4.05 -6.75 -28.66
CA LEU B 187 4.70 -6.78 -27.35
C LEU B 187 6.15 -6.41 -27.44
N ASN B 188 6.63 -5.65 -26.47
CA ASN B 188 8.05 -5.38 -26.36
C ASN B 188 8.78 -6.42 -25.51
N HIS B 189 8.02 -7.19 -24.72
CA HIS B 189 8.53 -8.33 -23.94
C HIS B 189 7.43 -9.37 -23.78
N ASP B 190 7.77 -10.66 -23.85
CA ASP B 190 6.80 -11.71 -23.56
C ASP B 190 6.72 -11.96 -22.04
N LEU B 191 6.23 -10.94 -21.30
CA LEU B 191 6.07 -10.99 -19.85
C LEU B 191 4.65 -10.61 -19.44
N TYR B 192 4.43 -9.31 -19.22
CA TYR B 192 3.10 -8.72 -19.11
C TYR B 192 2.64 -8.46 -20.52
N TRP B 193 1.35 -8.30 -20.68
CA TRP B 193 0.83 -7.76 -21.94
C TRP B 193 1.27 -6.31 -22.06
N GLN B 194 2.52 -6.13 -22.50
CA GLN B 194 3.13 -4.83 -22.49
C GLN B 194 3.57 -4.40 -23.86
N ILE B 195 3.19 -3.17 -24.18
CA ILE B 195 3.38 -2.61 -25.50
C ILE B 195 3.97 -1.21 -25.32
N THR B 196 4.47 -0.62 -26.40
CA THR B 196 5.17 0.66 -26.31
C THR B 196 4.32 1.82 -26.80
N LEU B 197 4.13 2.83 -25.96
CA LEU B 197 3.22 3.88 -26.35
C LEU B 197 3.65 5.24 -25.87
N ASP B 198 3.51 6.23 -26.75
CA ASP B 198 3.68 7.62 -26.37
C ASP B 198 2.47 7.98 -25.53
N ALA B 199 2.73 8.40 -24.30
CA ALA B 199 1.70 8.85 -23.36
C ALA B 199 1.74 10.36 -23.21
N HIS B 200 0.66 11.06 -23.47
CA HIS B 200 0.68 12.52 -23.28
C HIS B 200 -0.65 13.09 -22.77
N VAL B 201 -0.55 14.06 -21.87
CA VAL B 201 -1.70 14.54 -21.13
C VAL B 201 -1.62 16.05 -20.96
N GLY B 202 -2.33 16.78 -21.82
CA GLY B 202 -2.12 18.21 -21.97
C GLY B 202 -0.74 18.46 -22.58
N ASN B 203 0.18 18.96 -21.76
CA ASN B 203 1.56 19.19 -22.19
C ASN B 203 2.52 18.06 -21.85
N ILE B 204 2.33 17.42 -20.69
CA ILE B 204 3.17 16.33 -20.21
C ILE B 204 3.19 15.15 -21.16
N MET B 205 4.36 14.90 -21.74
CA MET B 205 4.54 13.87 -22.76
C MET B 205 5.64 12.93 -22.31
N LEU B 206 5.40 11.63 -22.48
CA LEU B 206 6.43 10.62 -22.28
C LEU B 206 6.50 9.69 -23.49
N GLU B 207 7.51 9.91 -24.33
CA GLU B 207 7.66 9.12 -25.54
C GLU B 207 8.11 7.70 -25.25
N LYS B 208 7.62 6.77 -26.06
CA LYS B 208 8.01 5.36 -26.02
C LYS B 208 7.93 4.72 -24.64
N ALA B 209 6.78 4.85 -23.96
CA ALA B 209 6.59 4.29 -22.61
C ALA B 209 6.05 2.87 -22.59
N ASN B 210 6.56 2.06 -21.65
CA ASN B 210 6.03 0.74 -21.37
C ASN B 210 4.58 0.82 -20.90
N CYS B 211 3.70 0.05 -21.55
CA CYS B 211 2.28 0.02 -21.18
C CYS B 211 1.78 -1.40 -21.00
N ILE B 212 1.51 -1.75 -19.74
CA ILE B 212 1.03 -3.07 -19.38
C ILE B 212 -0.47 -2.97 -19.43
N VAL B 213 -1.14 -3.90 -20.11
CA VAL B 213 -2.60 -3.86 -20.20
C VAL B 213 -3.12 -4.93 -19.29
N ASP B 214 -3.79 -4.48 -18.23
CA ASP B 214 -4.03 -5.32 -17.07
C ASP B 214 -5.49 -5.32 -16.63
N SER B 215 -6.12 -6.48 -16.76
CA SER B 215 -7.51 -6.65 -16.40
C SER B 215 -7.78 -6.58 -14.90
N GLY B 216 -6.76 -6.85 -14.10
CA GLY B 216 -6.91 -6.87 -12.67
C GLY B 216 -6.30 -5.68 -12.00
N THR B 217 -6.48 -4.50 -12.58
CA THR B 217 -6.11 -3.21 -11.96
C THR B 217 -7.32 -2.28 -12.08
N SER B 218 -7.74 -1.70 -10.96
CA SER B 218 -8.92 -0.84 -10.95
C SER B 218 -8.63 0.63 -11.34
N ALA B 219 -7.36 0.98 -11.52
CA ALA B 219 -6.95 2.35 -11.84
C ALA B 219 -6.24 2.45 -13.20
N ILE B 220 -5.90 3.68 -13.58
CA ILE B 220 -4.78 3.88 -14.48
C ILE B 220 -3.57 4.20 -13.61
N THR B 221 -2.44 3.57 -13.93
CA THR B 221 -1.19 3.72 -13.20
C THR B 221 -0.29 4.59 -14.04
N VAL B 222 0.60 5.32 -13.40
CA VAL B 222 1.29 6.40 -14.04
C VAL B 222 2.63 6.51 -13.30
N PRO B 223 3.73 6.77 -14.01
CA PRO B 223 5.01 6.99 -13.33
C PRO B 223 4.78 8.07 -12.29
N THR B 224 5.41 7.88 -11.14
CA THR B 224 5.15 8.74 -9.99
C THR B 224 5.34 10.24 -10.23
N ASP B 225 6.40 10.60 -10.96
CA ASP B 225 6.67 12.00 -11.27
C ASP B 225 5.68 12.55 -12.31
N PHE B 226 5.33 11.71 -13.28
CA PHE B 226 4.29 12.02 -14.26
C PHE B 226 2.98 12.56 -13.60
N LEU B 227 2.52 11.88 -12.55
CA LEU B 227 1.36 12.32 -11.80
C LEU B 227 1.56 13.73 -11.25
N ASN B 228 2.75 14.02 -10.69
CA ASN B 228 3.01 15.36 -10.14
C ASN B 228 2.87 16.43 -11.21
N LYS B 229 3.50 16.22 -12.35
CA LYS B 229 3.36 17.17 -13.45
C LYS B 229 1.88 17.38 -13.83
N MET B 230 1.10 16.30 -13.87
CA MET B 230 -0.35 16.40 -14.10
C MET B 230 -1.11 17.17 -13.00
N LEU B 231 -0.80 16.86 -11.73
CA LEU B 231 -1.45 17.47 -10.59
C LEU B 231 -1.30 19.00 -10.57
N GLN B 232 -0.16 19.46 -11.08
CA GLN B 232 0.18 20.87 -11.17
C GLN B 232 -0.87 21.72 -11.89
N ASN B 233 -1.59 21.16 -12.85
CA ASN B 233 -2.63 21.97 -13.48
C ASN B 233 -4.07 21.54 -13.22
N LEU B 234 -4.25 20.83 -12.11
CA LEU B 234 -5.57 20.45 -11.62
C LEU B 234 -5.90 21.22 -10.34
N ASP B 235 -7.13 21.06 -9.87
CA ASP B 235 -7.51 21.68 -8.59
C ASP B 235 -8.28 20.74 -7.69
N VAL B 236 -7.66 19.62 -7.39
CA VAL B 236 -8.36 18.52 -6.76
C VAL B 236 -7.99 18.50 -5.28
N ILE B 237 -8.85 17.90 -4.44
CA ILE B 237 -8.54 17.72 -3.03
C ILE B 237 -7.66 16.49 -2.78
N LYS B 238 -6.55 16.70 -2.04
CA LYS B 238 -5.73 15.60 -1.55
C LYS B 238 -6.39 15.01 -0.34
N VAL B 239 -6.38 13.68 -0.26
CA VAL B 239 -6.89 12.95 0.88
C VAL B 239 -5.73 12.93 1.85
N PRO B 240 -5.90 13.52 3.02
CA PRO B 240 -4.82 13.78 3.97
C PRO B 240 -3.61 12.83 3.96
N PHE B 241 -3.78 11.55 4.32
CA PHE B 241 -2.59 10.71 4.47
C PHE B 241 -2.25 9.94 3.19
N LEU B 242 -3.28 9.59 2.44
CA LEU B 242 -3.17 8.70 1.30
C LEU B 242 -2.88 9.38 -0.06
N PRO B 243 -2.28 8.66 -1.00
CA PRO B 243 -2.00 9.20 -2.34
C PRO B 243 -3.28 9.23 -3.27
N PHE B 244 -4.39 9.67 -2.69
CA PHE B 244 -5.67 9.68 -3.37
C PHE B 244 -6.22 11.12 -3.48
N TYR B 245 -7.07 11.38 -4.47
CA TYR B 245 -7.55 12.74 -4.71
C TYR B 245 -9.05 12.71 -4.98
N VAL B 246 -9.73 13.81 -4.71
CA VAL B 246 -11.18 13.89 -4.88
C VAL B 246 -11.54 15.09 -5.77
N THR B 247 -12.46 14.91 -6.71
CA THR B 247 -12.97 16.01 -7.53
C THR B 247 -14.48 15.88 -7.70
N LEU B 248 -15.11 16.95 -8.22
CA LEU B 248 -16.42 16.86 -8.86
C LEU B 248 -16.23 16.07 -10.14
N CYS B 249 -17.19 15.23 -10.46
CA CYS B 249 -17.10 14.41 -11.67
C CYS B 249 -17.26 15.23 -12.97
N ASN B 250 -17.62 16.51 -12.83
CA ASN B 250 -17.75 17.40 -13.99
C ASN B 250 -16.72 18.56 -14.09
N ASN B 251 -15.64 18.48 -13.32
CA ASN B 251 -14.49 19.38 -13.47
C ASN B 251 -13.98 19.34 -14.92
N SER B 252 -14.15 20.44 -15.64
CA SER B 252 -13.80 20.52 -17.07
C SER B 252 -12.30 20.51 -17.30
N LYS B 253 -11.54 21.01 -16.32
CA LYS B 253 -10.08 21.05 -16.36
C LYS B 253 -9.43 19.66 -16.14
N LEU B 254 -10.19 18.58 -16.34
CA LEU B 254 -9.66 17.22 -16.14
C LEU B 254 -9.09 16.71 -17.46
N PRO B 255 -7.96 16.03 -17.37
CA PRO B 255 -7.18 15.67 -18.56
C PRO B 255 -7.70 14.44 -19.29
N THR B 256 -7.47 14.36 -20.60
CA THR B 256 -7.70 13.14 -21.37
C THR B 256 -6.37 12.48 -21.64
N PHE B 257 -6.27 11.20 -21.35
CA PHE B 257 -5.07 10.48 -21.69
C PHE B 257 -5.04 10.29 -23.17
N GLU B 258 -3.90 10.57 -23.76
CA GLU B 258 -3.71 10.31 -25.16
C GLU B 258 -2.52 9.38 -25.24
N PHE B 259 -2.77 8.19 -25.78
CA PHE B 259 -1.71 7.27 -26.16
C PHE B 259 -1.70 7.07 -27.67
N THR B 260 -0.52 7.20 -28.27
CA THR B 260 -0.38 7.18 -29.72
C THR B 260 0.75 6.25 -30.10
N SER B 261 0.60 5.56 -31.22
CA SER B 261 1.72 4.85 -31.83
C SER B 261 1.72 5.06 -33.35
N GLU B 262 2.61 4.34 -34.04
CA GLU B 262 2.67 4.36 -35.49
C GLU B 262 1.36 3.89 -36.15
N ASN B 263 0.62 3.07 -35.40
CA ASN B 263 -0.57 2.41 -35.90
C ASN B 263 -1.87 2.99 -35.34
N GLY B 264 -1.87 3.48 -34.10
CA GLY B 264 -3.13 3.93 -33.53
C GLY B 264 -3.11 5.15 -32.64
N LYS B 265 -4.29 5.74 -32.45
CA LYS B 265 -4.49 6.79 -31.44
C LYS B 265 -5.65 6.43 -30.47
N TYR B 266 -5.29 6.13 -29.22
CA TYR B 266 -6.27 5.77 -28.19
C TYR B 266 -6.32 6.81 -27.10
N THR B 267 -7.50 7.39 -26.88
CA THR B 267 -7.62 8.39 -25.82
C THR B 267 -8.52 7.82 -24.73
N LEU B 268 -8.31 8.28 -23.48
CA LEU B 268 -9.16 7.93 -22.31
C LEU B 268 -9.71 9.14 -21.55
N GLU B 269 -10.97 9.47 -21.81
CA GLU B 269 -11.63 10.65 -21.19
C GLU B 269 -11.84 10.44 -19.68
N PRO B 270 -11.97 11.55 -18.94
CA PRO B 270 -12.32 11.50 -17.52
C PRO B 270 -13.51 10.59 -17.19
N GLU B 271 -14.49 10.50 -18.10
CA GLU B 271 -15.72 9.80 -17.79
C GLU B 271 -15.54 8.30 -17.74
N TYR B 272 -14.33 7.82 -18.06
CA TYR B 272 -14.04 6.39 -17.95
C TYR B 272 -13.16 6.04 -16.76
N TYR B 273 -12.30 6.96 -16.33
CA TYR B 273 -11.28 6.60 -15.35
C TYR B 273 -11.61 7.05 -13.92
N LEU B 274 -12.41 8.11 -13.79
CA LEU B 274 -12.93 8.53 -12.49
C LEU B 274 -13.67 7.41 -11.73
N GLN B 275 -13.54 7.39 -10.42
CA GLN B 275 -14.28 6.42 -9.61
C GLN B 275 -15.38 7.12 -8.84
N HIS B 276 -16.63 6.83 -9.18
CA HIS B 276 -17.79 7.55 -8.63
C HIS B 276 -18.02 7.27 -7.16
N ILE B 277 -18.05 8.31 -6.37
CA ILE B 277 -18.40 8.12 -4.98
C ILE B 277 -19.63 8.97 -4.66
N GLU B 278 -20.75 8.53 -5.24
CA GLU B 278 -22.05 9.13 -5.01
C GLU B 278 -22.47 9.10 -3.54
N ASP B 279 -22.14 8.01 -2.84
CA ASP B 279 -22.56 7.81 -1.46
C ASP B 279 -21.80 8.66 -0.43
N VAL B 280 -20.86 9.48 -0.90
CA VAL B 280 -20.10 10.43 -0.07
C VAL B 280 -20.54 11.89 -0.33
N GLY B 281 -20.95 12.16 -1.55
CA GLY B 281 -21.41 13.47 -1.93
C GLY B 281 -21.92 13.35 -3.35
N PRO B 282 -22.85 14.22 -3.73
CA PRO B 282 -23.42 14.20 -5.09
C PRO B 282 -22.39 14.63 -6.15
N GLY B 283 -22.24 13.82 -7.19
CA GLY B 283 -21.31 14.11 -8.27
C GLY B 283 -19.87 14.18 -7.81
N LEU B 284 -19.52 13.41 -6.78
CA LEU B 284 -18.16 13.34 -6.23
C LEU B 284 -17.40 12.07 -6.66
N CYS B 285 -16.12 12.23 -7.00
CA CYS B 285 -15.28 11.18 -7.61
C CYS B 285 -13.87 11.13 -7.07
N MET B 286 -13.33 9.91 -6.97
CA MET B 286 -11.90 9.68 -6.79
C MET B 286 -11.17 9.82 -8.12
N LEU B 287 -10.03 10.49 -8.12
CA LEU B 287 -9.29 10.72 -9.34
C LEU B 287 -8.92 9.39 -10.00
N ASN B 288 -8.65 8.37 -9.20
CA ASN B 288 -8.36 7.03 -9.70
C ASN B 288 -7.21 6.94 -10.70
N ILE B 289 -6.37 7.97 -10.71
CA ILE B 289 -5.02 7.88 -11.27
C ILE B 289 -3.97 7.77 -10.13
N ILE B 290 -3.21 6.68 -10.15
CA ILE B 290 -2.31 6.29 -9.07
C ILE B 290 -0.85 6.34 -9.48
N GLY B 291 -0.05 6.93 -8.60
CA GLY B 291 1.39 6.97 -8.77
C GLY B 291 1.97 5.59 -8.52
N LEU B 292 2.74 5.10 -9.47
CA LEU B 292 3.35 3.78 -9.34
C LEU B 292 4.58 3.57 -10.22
N ASP B 293 5.76 3.66 -9.60
CA ASP B 293 7.08 3.42 -10.22
C ASP B 293 7.48 1.96 -10.42
N PHE B 294 7.84 1.61 -11.66
CA PHE B 294 8.55 0.36 -11.93
C PHE B 294 10.04 0.63 -12.18
N PRO B 295 10.87 -0.41 -12.16
CA PRO B 295 12.19 -0.39 -12.81
C PRO B 295 12.22 0.49 -14.07
N VAL B 296 11.37 0.20 -15.05
CA VAL B 296 11.18 1.11 -16.19
C VAL B 296 9.94 2.00 -15.95
N PRO B 297 10.02 3.29 -16.30
CA PRO B 297 8.82 4.15 -16.36
C PRO B 297 7.70 3.43 -17.11
N THR B 298 6.53 3.28 -16.48
CA THR B 298 5.48 2.38 -16.96
C THR B 298 4.10 2.88 -16.62
N PHE B 299 3.15 2.60 -17.50
CA PHE B 299 1.77 2.94 -17.31
C PHE B 299 0.94 1.69 -17.32
N ILE B 300 0.08 1.47 -16.32
CA ILE B 300 -0.85 0.34 -16.39
C ILE B 300 -2.17 0.81 -16.87
N LEU B 301 -2.53 0.41 -18.09
CA LEU B 301 -3.86 0.67 -18.62
C LEU B 301 -4.69 -0.45 -18.05
N GLY B 302 -5.57 -0.11 -17.13
CA GLY B 302 -6.26 -1.13 -16.39
C GLY B 302 -7.72 -1.09 -16.72
N ASP B 303 -8.52 -1.63 -15.82
CA ASP B 303 -9.96 -1.66 -15.98
C ASP B 303 -10.59 -0.47 -16.75
N PRO B 304 -10.37 0.79 -16.35
CA PRO B 304 -10.97 1.96 -17.03
C PRO B 304 -10.71 2.04 -18.53
N PHE B 305 -9.45 1.85 -18.95
CA PHE B 305 -9.08 1.74 -20.35
C PHE B 305 -9.86 0.62 -21.00
N MET B 306 -9.85 -0.54 -20.38
CA MET B 306 -10.56 -1.70 -20.94
C MET B 306 -12.09 -1.57 -21.01
N ARG B 307 -12.72 -0.78 -20.14
CA ARG B 307 -14.15 -0.43 -20.31
C ARG B 307 -14.53 0.28 -21.64
N LYS B 308 -13.59 1.06 -22.18
CA LYS B 308 -13.80 1.72 -23.45
C LYS B 308 -13.21 0.88 -24.55
N TYR B 309 -12.04 0.31 -24.35
CA TYR B 309 -11.40 -0.39 -25.46
C TYR B 309 -11.59 -1.87 -25.38
N PHE B 310 -12.33 -2.41 -26.33
CA PHE B 310 -12.35 -3.84 -26.53
C PHE B 310 -10.92 -4.30 -26.79
N THR B 311 -10.49 -5.42 -26.22
CA THR B 311 -9.09 -5.85 -26.42
C THR B 311 -8.84 -7.34 -26.67
N VAL B 312 -7.96 -7.59 -27.65
CA VAL B 312 -7.55 -8.95 -28.06
C VAL B 312 -6.16 -9.25 -27.51
N PHE B 313 -5.99 -10.42 -26.92
CA PHE B 313 -4.67 -10.81 -26.42
C PHE B 313 -4.26 -12.07 -27.18
N ASP B 314 -3.19 -11.93 -27.97
CA ASP B 314 -2.84 -12.89 -29.00
C ASP B 314 -1.51 -13.49 -28.69
N TYR B 315 -1.51 -14.78 -28.38
CA TYR B 315 -0.25 -15.42 -27.96
C TYR B 315 0.56 -15.80 -29.18
N ASP B 316 -0.14 -16.23 -30.22
CA ASP B 316 0.47 -16.64 -31.48
C ASP B 316 1.21 -15.45 -32.07
N ASN B 317 0.56 -14.29 -32.07
CA ASN B 317 1.08 -13.14 -32.77
C ASN B 317 1.75 -12.13 -31.88
N HIS B 318 2.05 -12.57 -30.65
CA HIS B 318 2.75 -11.73 -29.67
C HIS B 318 2.23 -10.29 -29.63
N SER B 319 0.91 -10.15 -29.58
CA SER B 319 0.32 -8.84 -29.78
C SER B 319 -0.90 -8.59 -28.92
N VAL B 320 -1.26 -7.31 -28.85
CA VAL B 320 -2.51 -6.89 -28.25
C VAL B 320 -3.30 -6.10 -29.29
N GLY B 321 -4.55 -6.48 -29.51
CA GLY B 321 -5.45 -5.74 -30.37
C GLY B 321 -6.33 -4.74 -29.61
N ILE B 322 -6.64 -3.61 -30.24
CA ILE B 322 -7.39 -2.56 -29.58
C ILE B 322 -8.37 -1.90 -30.52
N ALA B 323 -9.63 -1.92 -30.09
CA ALA B 323 -10.72 -1.26 -30.82
C ALA B 323 -11.74 -0.64 -29.86
N LEU B 324 -12.54 0.28 -30.39
CA LEU B 324 -13.67 0.83 -29.64
C LEU B 324 -14.68 -0.27 -29.33
N ALA B 325 -15.02 -0.43 -28.06
CA ALA B 325 -16.10 -1.33 -27.65
C ALA B 325 -17.49 -0.80 -28.05
N LYS B 326 -18.40 -1.72 -28.35
CA LYS B 326 -19.79 -1.35 -28.61
C LYS B 326 -20.47 -0.87 -27.32
N LYS B 327 -21.09 0.31 -27.40
CA LYS B 327 -21.80 0.92 -26.27
C LYS B 327 -22.94 0.05 -25.72
N ASN B 328 -23.31 -0.97 -26.50
CA ASN B 328 -24.53 -1.77 -26.27
C ASN B 328 -24.42 -3.10 -27.02
N LEU B 329 -24.70 -4.21 -26.36
CA LEU B 329 -24.48 -5.51 -26.99
C LEU B 329 -25.59 -5.94 -27.95
C22 5FP C . -0.69 6.56 4.84
C23 5FP C . -1.45 5.42 5.53
C39 5FP C . -1.76 5.78 6.98
C24 5FP C . -0.75 4.06 5.39
C21 5FP C . 0.83 6.41 5.01
O21 5FP C . 1.54 6.01 4.08
N20 5FP C . 1.42 6.85 6.27
C19 5FP C . 2.85 6.79 6.48
C18 5FP C . 3.12 5.76 7.58
O18 5FP C . 2.64 5.91 8.70
C36 5FP C . 3.47 8.17 6.73
C37 5FP C . 2.55 9.34 6.39
C38 5FP C . 4.81 8.30 6.01
N17 5FP C . 3.72 4.49 7.22
C16 5FP C . 3.83 3.39 8.17
C15 5FP C . 5.31 3.00 8.19
O15 5FP C . 5.82 2.49 7.18
C33 5FP C . 2.88 2.20 7.88
C34 5FP C . 1.41 2.57 8.04
C35 5FP C . 3.18 1.00 8.76
N14 5FP C . 6.14 3.46 9.28
C9 5FP C . 8.73 0.32 9.75
F1 5FP C . 8.14 4.84 7.53
C10 5FP C . 7.80 1.15 10.63
F2 5FP C . 9.65 4.40 9.00
O9 5FP C . 8.44 0.16 8.56
C11 5FP C . 8.11 2.66 10.53
F3 5FP C . 7.95 5.66 9.49
O11 5FP C . 7.54 3.35 11.63
C12 5FP C . 7.60 3.29 9.22
C13 5FP C . 8.35 4.58 8.81
N8 5FP C . 9.83 -0.40 10.38
C7 5FP C . 10.68 -1.35 9.66
C6 5FP C . 10.00 -2.72 9.46
O6 5FP C . 9.15 -3.17 10.22
C29 5FP C . 12.05 -1.47 10.32
N5 5FP C . 10.42 -3.50 8.31
C1 5FP C . 13.35 -5.07 8.24
F4 5FP C . 8.71 -5.58 5.97
O2 5FP C . 13.53 -3.96 8.79
C2 5FP C . 12.09 -5.86 8.60
F5 5FP C . 7.74 -4.12 7.25
O1 5FP C . 14.17 -5.56 7.42
C3 5FP C . 10.98 -5.78 7.54
F6 5FP C . 9.34 -3.53 5.94
O3 5FP C . 11.49 -5.52 6.22
C4 5FP C . 9.87 -4.78 7.90
C25 5FP C . 8.89 -4.50 6.73
C22 5FP D . -7.11 0.48 -5.80
C23 5FP D . -5.84 1.27 -5.97
C39 5FP D . -5.28 0.99 -7.34
C24 5FP D . -6.14 2.75 -5.84
C21 5FP D . -6.70 -0.97 -5.58
O21 5FP D . -5.90 -1.20 -4.68
N20 5FP D . -6.99 -1.97 -6.59
C19 5FP D . -6.29 -3.24 -6.60
C18 5FP D . -5.24 -3.09 -7.71
O18 5FP D . -5.56 -2.77 -8.86
C36 5FP D . -7.25 -4.40 -6.85
C37 5FP D . -8.20 -4.67 -5.72
C38 5FP D . -6.51 -5.69 -7.17
N17 5FP D . -3.93 -3.65 -7.54
C16 5FP D . -3.12 -3.83 -8.73
C15 5FP D . -2.64 -5.25 -8.67
O15 5FP D . -1.89 -5.62 -7.77
C33 5FP D . -1.95 -2.86 -8.80
C34 5FP D . -2.37 -1.39 -8.84
C35 5FP D . -1.03 -3.20 -9.97
N14 5FP D . -3.15 -6.19 -9.63
C9 5FP D . 0.26 -7.82 -10.33
F1 5FP D . -4.97 -8.21 -9.84
C10 5FP D . -0.81 -7.15 -11.16
F2 5FP D . -3.56 -9.72 -9.08
O9 5FP D . 0.56 -7.33 -9.24
C11 5FP D . -2.07 -7.98 -10.92
F3 5FP D . -4.15 -8.05 -7.90
O11 5FP D . -2.95 -7.83 -12.02
C12 5FP D . -2.72 -7.57 -9.58
C13 5FP D . -3.88 -8.43 -9.11
N8 5FP D . 0.92 -9.02 -10.81
C7 5FP D . 1.91 -9.67 -10.00
C6 5FP D . 3.12 -8.76 -9.90
O6 5FP D . 3.50 -8.17 -10.90
C29 5FP D . 2.28 -11.00 -10.62
N5 5FP D . 3.92 -8.84 -8.68
C1 5FP D . 7.85 -9.66 -10.41
F4 5FP D . 6.37 -7.07 -6.82
O2 5FP D . 8.26 -10.37 -11.38
C2 5FP D . 6.59 -10.12 -9.73
F5 5FP D . 4.51 -6.29 -7.43
O1 5FP D . 8.45 -8.61 -10.03
C3 5FP D . 6.31 -9.36 -8.43
F6 5FP D . 4.60 -8.09 -6.29
O3 5FP D . 5.88 -10.34 -7.50
C4 5FP D . 5.24 -8.26 -8.52
C25 5FP D . 5.18 -7.41 -7.25
#